data_1EPI
# 
_entry.id   1EPI 
# 
_audit_conform.dict_name       mmcif_pdbx.dic 
_audit_conform.dict_version    5.398 
_audit_conform.dict_location   http://mmcif.pdb.org/dictionaries/ascii/mmcif_pdbx.dic 
# 
loop_
_database_2.database_id 
_database_2.database_code 
_database_2.pdbx_database_accession 
_database_2.pdbx_DOI 
PDB   1EPI         pdb_00001epi 10.2210/pdb1epi/pdb 
WWPDB D_1000173114 ?            ?                   
# 
loop_
_pdbx_audit_revision_history.ordinal 
_pdbx_audit_revision_history.data_content_type 
_pdbx_audit_revision_history.major_revision 
_pdbx_audit_revision_history.minor_revision 
_pdbx_audit_revision_history.revision_date 
1 'Structure model' 1 0 1994-01-31 
2 'Structure model' 1 1 2008-03-24 
3 'Structure model' 1 2 2011-07-13 
4 'Structure model' 1 3 2017-11-29 
5 'Structure model' 1 4 2024-10-30 
# 
_pdbx_audit_revision_details.ordinal             1 
_pdbx_audit_revision_details.revision_ordinal    1 
_pdbx_audit_revision_details.data_content_type   'Structure model' 
_pdbx_audit_revision_details.provider            repository 
_pdbx_audit_revision_details.type                'Initial release' 
_pdbx_audit_revision_details.description         ? 
_pdbx_audit_revision_details.details             ? 
# 
loop_
_pdbx_audit_revision_group.ordinal 
_pdbx_audit_revision_group.revision_ordinal 
_pdbx_audit_revision_group.data_content_type 
_pdbx_audit_revision_group.group 
1 2 'Structure model' 'Version format compliance' 
2 3 'Structure model' 'Version format compliance' 
3 4 'Structure model' 'Derived calculations'      
4 4 'Structure model' Other                       
5 5 'Structure model' 'Data collection'           
6 5 'Structure model' 'Database references'       
7 5 'Structure model' 'Structure summary'         
# 
loop_
_pdbx_audit_revision_category.ordinal 
_pdbx_audit_revision_category.revision_ordinal 
_pdbx_audit_revision_category.data_content_type 
_pdbx_audit_revision_category.category 
1 4 'Structure model' pdbx_database_status      
2 4 'Structure model' pdbx_struct_assembly      
3 4 'Structure model' pdbx_struct_oper_list     
4 4 'Structure model' struct_conf               
5 5 'Structure model' chem_comp_atom            
6 5 'Structure model' chem_comp_bond            
7 5 'Structure model' database_2                
8 5 'Structure model' pdbx_entry_details        
9 5 'Structure model' pdbx_modification_feature 
# 
loop_
_pdbx_audit_revision_item.ordinal 
_pdbx_audit_revision_item.revision_ordinal 
_pdbx_audit_revision_item.data_content_type 
_pdbx_audit_revision_item.item 
1 4 'Structure model' '_pdbx_database_status.process_site'  
2 5 'Structure model' '_database_2.pdbx_DOI'                
3 5 'Structure model' '_database_2.pdbx_database_accession' 
# 
_pdbx_database_status.status_code                     REL 
_pdbx_database_status.entry_id                        1EPI 
_pdbx_database_status.recvd_initial_deposition_date   1992-03-24 
_pdbx_database_status.deposit_site                    ? 
_pdbx_database_status.process_site                    BNL 
_pdbx_database_status.SG_entry                        . 
_pdbx_database_status.pdb_format_compatible           Y 
_pdbx_database_status.status_code_mr                  ? 
_pdbx_database_status.status_code_sf                  ? 
_pdbx_database_status.status_code_cs                  ? 
_pdbx_database_status.methods_development_category    ? 
_pdbx_database_status.status_code_nmr_data            ? 
# 
_pdbx_database_related.db_name        PDB 
_pdbx_database_related.db_id          1EPJ 
_pdbx_database_related.details        . 
_pdbx_database_related.content_type   ensemble 
# 
loop_
_audit_author.name 
_audit_author.pdbx_ordinal 
'Kohda, D.'   1 
'Inagaki, F.' 2 
# 
loop_
_citation.id 
_citation.title 
_citation.journal_abbrev 
_citation.journal_volume 
_citation.page_first 
_citation.page_last 
_citation.year 
_citation.journal_id_ASTM 
_citation.country 
_citation.journal_id_ISSN 
_citation.journal_id_CSD 
_citation.book_publisher 
_citation.pdbx_database_id_PubMed 
_citation.pdbx_database_id_DOI 
primary 
'Three-dimensional nuclear magnetic resonance structures of mouse epidermal growth factor in acidic and physiological pH solutions.' 
Biochemistry        31  11928 11939 1992 BICHAW US 0006-2960 0033 ? 1445923 10.1021/bi00162a036 
1       
;Structure of Epidermal Growth Factor Bound to Perdeuterated Dodecylphosphocholine Micelles Determined by Two-Dimensional NMR and Simulated Annealing Calculations
;
Biochemistry        31  677   ?     1992 BICHAW US 0006-2960 0033 ? ?       ?                   
2       
;Characterization of Ph Titration Shifts for All the Nonlabile Proton Resonances in a Protein by Two-Dimensional NMR: The Case of Mouse Epidermal Growth Factor
;
Biochemistry        30  4896  ?     1991 BICHAW US 0006-2960 0033 ? ?       ?                   
3       'Tertiary Structure of Mouse Epidermal Growth Factor Determined by Two-Dimensional 1H NMR' 'J.Biochem.(Tokyo)' 103 741   ? 
1988 JOBIAO JA 0021-924X 0418 ? ?       ?                   
4       'A Comparative 1H NMR Study of Mouse Alpha(1-53) and Beta(2-53) Epidermal Growth Factors' Biochem.Int.        16  647   ? 
1988 BIINDF AT 0158-5231 0758 ? ?       ?                   
5       'Complete Sequence-Specific 1H Nuclear Magnetic Resonance Assignments for Mouse Epidermal Growth Factor' 
'J.Biochem.(Tokyo)' 103 554   ?     1988 JOBIAO JA 0021-924X 0418 ? ?       ?                   
# 
loop_
_citation_author.citation_id 
_citation_author.name 
_citation_author.ordinal 
_citation_author.identifier_ORCID 
primary 'Kohda, D.'   1  ? 
primary 'Inagaki, F.' 2  ? 
1       'Kohda, D.'   3  ? 
1       'Inagaki, F.' 4  ? 
2       'Kohda, D.'   5  ? 
2       'Sawada, T.'  6  ? 
2       'Inagaki, F.' 7  ? 
3       'Kohda, D.'   8  ? 
3       'Go, N.'      9  ? 
3       'Hayashi, K.' 10 ? 
3       'Inagaki, F.' 11 ? 
4       'Kohda, D.'   12 ? 
4       'Kodama, C.'  13 ? 
4       'Kase, R.'    14 ? 
4       'Nomoto, H.'  15 ? 
4       'Hayashi, K.' 16 ? 
4       'Inagaki, F.' 17 ? 
5       'Kohda, D.'   18 ? 
5       'Inagaki, F.' 19 ? 
# 
_entity.id                         1 
_entity.type                       polymer 
_entity.src_method                 man 
_entity.pdbx_description           'EPIDERMAL GROWTH FACTOR' 
_entity.formula_weight             6050.717 
_entity.pdbx_number_of_molecules   1 
_entity.pdbx_ec                    ? 
_entity.pdbx_mutation              ? 
_entity.pdbx_fragment              ? 
_entity.details                    ? 
# 
_entity_poly.entity_id                      1 
_entity_poly.type                           'polypeptide(L)' 
_entity_poly.nstd_linkage                   no 
_entity_poly.nstd_monomer                   no 
_entity_poly.pdbx_seq_one_letter_code       NSYPGCPSSYDGYCLNGGVCMHIESLDSYTCNCVIGYSGDRCQTRDLRWWELR 
_entity_poly.pdbx_seq_one_letter_code_can   NSYPGCPSSYDGYCLNGGVCMHIESLDSYTCNCVIGYSGDRCQTRDLRWWELR 
_entity_poly.pdbx_strand_id                 A 
_entity_poly.pdbx_target_identifier         ? 
# 
loop_
_entity_poly_seq.entity_id 
_entity_poly_seq.num 
_entity_poly_seq.mon_id 
_entity_poly_seq.hetero 
1 1  ASN n 
1 2  SER n 
1 3  TYR n 
1 4  PRO n 
1 5  GLY n 
1 6  CYS n 
1 7  PRO n 
1 8  SER n 
1 9  SER n 
1 10 TYR n 
1 11 ASP n 
1 12 GLY n 
1 13 TYR n 
1 14 CYS n 
1 15 LEU n 
1 16 ASN n 
1 17 GLY n 
1 18 GLY n 
1 19 VAL n 
1 20 CYS n 
1 21 MET n 
1 22 HIS n 
1 23 ILE n 
1 24 GLU n 
1 25 SER n 
1 26 LEU n 
1 27 ASP n 
1 28 SER n 
1 29 TYR n 
1 30 THR n 
1 31 CYS n 
1 32 ASN n 
1 33 CYS n 
1 34 VAL n 
1 35 ILE n 
1 36 GLY n 
1 37 TYR n 
1 38 SER n 
1 39 GLY n 
1 40 ASP n 
1 41 ARG n 
1 42 CYS n 
1 43 GLN n 
1 44 THR n 
1 45 ARG n 
1 46 ASP n 
1 47 LEU n 
1 48 ARG n 
1 49 TRP n 
1 50 TRP n 
1 51 GLU n 
1 52 LEU n 
1 53 ARG n 
# 
_entity_src_gen.entity_id                          1 
_entity_src_gen.pdbx_src_id                        1 
_entity_src_gen.pdbx_alt_source_flag               sample 
_entity_src_gen.pdbx_seq_type                      ? 
_entity_src_gen.pdbx_beg_seq_num                   ? 
_entity_src_gen.pdbx_end_seq_num                   ? 
_entity_src_gen.gene_src_common_name               'house mouse' 
_entity_src_gen.gene_src_genus                     Mus 
_entity_src_gen.pdbx_gene_src_gene                 ? 
_entity_src_gen.gene_src_species                   ? 
_entity_src_gen.gene_src_strain                    ? 
_entity_src_gen.gene_src_tissue                    ? 
_entity_src_gen.gene_src_tissue_fraction           ? 
_entity_src_gen.gene_src_details                   ? 
_entity_src_gen.pdbx_gene_src_fragment             ? 
_entity_src_gen.pdbx_gene_src_scientific_name      'Mus musculus' 
_entity_src_gen.pdbx_gene_src_ncbi_taxonomy_id     10090 
_entity_src_gen.pdbx_gene_src_variant              ? 
_entity_src_gen.pdbx_gene_src_cell_line            ? 
_entity_src_gen.pdbx_gene_src_atcc                 ? 
_entity_src_gen.pdbx_gene_src_organ                ? 
_entity_src_gen.pdbx_gene_src_organelle            ? 
_entity_src_gen.pdbx_gene_src_cell                 ? 
_entity_src_gen.pdbx_gene_src_cellular_location    ? 
_entity_src_gen.host_org_common_name               ? 
_entity_src_gen.pdbx_host_org_scientific_name      ? 
_entity_src_gen.pdbx_host_org_ncbi_taxonomy_id     ? 
_entity_src_gen.host_org_genus                     ? 
_entity_src_gen.pdbx_host_org_gene                 ? 
_entity_src_gen.pdbx_host_org_organ                ? 
_entity_src_gen.host_org_species                   ? 
_entity_src_gen.pdbx_host_org_tissue               ? 
_entity_src_gen.pdbx_host_org_tissue_fraction      ? 
_entity_src_gen.pdbx_host_org_strain               ? 
_entity_src_gen.pdbx_host_org_variant              ? 
_entity_src_gen.pdbx_host_org_cell_line            ? 
_entity_src_gen.pdbx_host_org_atcc                 ? 
_entity_src_gen.pdbx_host_org_culture_collection   ? 
_entity_src_gen.pdbx_host_org_cell                 ? 
_entity_src_gen.pdbx_host_org_organelle            ? 
_entity_src_gen.pdbx_host_org_cellular_location    ? 
_entity_src_gen.pdbx_host_org_vector_type          ? 
_entity_src_gen.pdbx_host_org_vector               ? 
_entity_src_gen.host_org_details                   ? 
_entity_src_gen.expression_system_id               ? 
_entity_src_gen.plasmid_name                       ? 
_entity_src_gen.plasmid_details                    ? 
_entity_src_gen.pdbx_description                   ? 
# 
loop_
_chem_comp.id 
_chem_comp.type 
_chem_comp.mon_nstd_flag 
_chem_comp.name 
_chem_comp.pdbx_synonyms 
_chem_comp.formula 
_chem_comp.formula_weight 
ARG 'L-peptide linking' y ARGININE        ? 'C6 H15 N4 O2 1' 175.209 
ASN 'L-peptide linking' y ASPARAGINE      ? 'C4 H8 N2 O3'    132.118 
ASP 'L-peptide linking' y 'ASPARTIC ACID' ? 'C4 H7 N O4'     133.103 
CYS 'L-peptide linking' y CYSTEINE        ? 'C3 H7 N O2 S'   121.158 
GLN 'L-peptide linking' y GLUTAMINE       ? 'C5 H10 N2 O3'   146.144 
GLU 'L-peptide linking' y 'GLUTAMIC ACID' ? 'C5 H9 N O4'     147.129 
GLY 'peptide linking'   y GLYCINE         ? 'C2 H5 N O2'     75.067  
HIS 'L-peptide linking' y HISTIDINE       ? 'C6 H10 N3 O2 1' 156.162 
ILE 'L-peptide linking' y ISOLEUCINE      ? 'C6 H13 N O2'    131.173 
LEU 'L-peptide linking' y LEUCINE         ? 'C6 H13 N O2'    131.173 
MET 'L-peptide linking' y METHIONINE      ? 'C5 H11 N O2 S'  149.211 
PRO 'L-peptide linking' y PROLINE         ? 'C5 H9 N O2'     115.130 
SER 'L-peptide linking' y SERINE          ? 'C3 H7 N O3'     105.093 
THR 'L-peptide linking' y THREONINE       ? 'C4 H9 N O3'     119.119 
TRP 'L-peptide linking' y TRYPTOPHAN      ? 'C11 H12 N2 O2'  204.225 
TYR 'L-peptide linking' y TYROSINE        ? 'C9 H11 N O3'    181.189 
VAL 'L-peptide linking' y VALINE          ? 'C5 H11 N O2'    117.146 
# 
loop_
_pdbx_poly_seq_scheme.asym_id 
_pdbx_poly_seq_scheme.entity_id 
_pdbx_poly_seq_scheme.seq_id 
_pdbx_poly_seq_scheme.mon_id 
_pdbx_poly_seq_scheme.ndb_seq_num 
_pdbx_poly_seq_scheme.pdb_seq_num 
_pdbx_poly_seq_scheme.auth_seq_num 
_pdbx_poly_seq_scheme.pdb_mon_id 
_pdbx_poly_seq_scheme.auth_mon_id 
_pdbx_poly_seq_scheme.pdb_strand_id 
_pdbx_poly_seq_scheme.pdb_ins_code 
_pdbx_poly_seq_scheme.hetero 
A 1 1  ASN 1  1  1  ASN ASN A . n 
A 1 2  SER 2  2  2  SER SER A . n 
A 1 3  TYR 3  3  3  TYR TYR A . n 
A 1 4  PRO 4  4  4  PRO PRO A . n 
A 1 5  GLY 5  5  5  GLY GLY A . n 
A 1 6  CYS 6  6  6  CYS CYS A . n 
A 1 7  PRO 7  7  7  PRO PRO A . n 
A 1 8  SER 8  8  8  SER SER A . n 
A 1 9  SER 9  9  9  SER SER A . n 
A 1 10 TYR 10 10 10 TYR TYR A . n 
A 1 11 ASP 11 11 11 ASP ASP A . n 
A 1 12 GLY 12 12 12 GLY GLY A . n 
A 1 13 TYR 13 13 13 TYR TYR A . n 
A 1 14 CYS 14 14 14 CYS CYS A . n 
A 1 15 LEU 15 15 15 LEU LEU A . n 
A 1 16 ASN 16 16 16 ASN ASN A . n 
A 1 17 GLY 17 17 17 GLY GLY A . n 
A 1 18 GLY 18 18 18 GLY GLY A . n 
A 1 19 VAL 19 19 19 VAL VAL A . n 
A 1 20 CYS 20 20 20 CYS CYS A . n 
A 1 21 MET 21 21 21 MET MET A . n 
A 1 22 HIS 22 22 22 HIS HIS A . n 
A 1 23 ILE 23 23 23 ILE ILE A . n 
A 1 24 GLU 24 24 24 GLU GLU A . n 
A 1 25 SER 25 25 25 SER SER A . n 
A 1 26 LEU 26 26 26 LEU LEU A . n 
A 1 27 ASP 27 27 27 ASP ASP A . n 
A 1 28 SER 28 28 28 SER SER A . n 
A 1 29 TYR 29 29 29 TYR TYR A . n 
A 1 30 THR 30 30 30 THR THR A . n 
A 1 31 CYS 31 31 31 CYS CYS A . n 
A 1 32 ASN 32 32 32 ASN ASN A . n 
A 1 33 CYS 33 33 33 CYS CYS A . n 
A 1 34 VAL 34 34 34 VAL VAL A . n 
A 1 35 ILE 35 35 35 ILE ILE A . n 
A 1 36 GLY 36 36 36 GLY GLY A . n 
A 1 37 TYR 37 37 37 TYR TYR A . n 
A 1 38 SER 38 38 38 SER SER A . n 
A 1 39 GLY 39 39 39 GLY GLY A . n 
A 1 40 ASP 40 40 40 ASP ASP A . n 
A 1 41 ARG 41 41 41 ARG ARG A . n 
A 1 42 CYS 42 42 42 CYS CYS A . n 
A 1 43 GLN 43 43 43 GLN GLN A . n 
A 1 44 THR 44 44 44 THR THR A . n 
A 1 45 ARG 45 45 45 ARG ARG A . n 
A 1 46 ASP 46 46 46 ASP ASP A . n 
A 1 47 LEU 47 47 47 LEU LEU A . n 
A 1 48 ARG 48 48 48 ARG ARG A . n 
A 1 49 TRP 49 49 49 TRP TRP A . n 
A 1 50 TRP 50 50 50 TRP TRP A . n 
A 1 51 GLU 51 51 51 GLU GLU A . n 
A 1 52 LEU 52 52 52 LEU LEU A . n 
A 1 53 ARG 53 53 53 ARG ARG A . n 
# 
loop_
_software.name 
_software.classification 
_software.version 
_software.citation_id 
_software.pdbx_ordinal 
X-PLOR 'model building' . ? 1 
X-PLOR refinement       . ? 2 
X-PLOR phasing          . ? 3 
# 
_cell.entry_id           1EPI 
_cell.length_a           1.000 
_cell.length_b           1.000 
_cell.length_c           1.000 
_cell.angle_alpha        90.00 
_cell.angle_beta         90.00 
_cell.angle_gamma        90.00 
_cell.Z_PDB              1 
_cell.pdbx_unique_axis   ? 
# 
_symmetry.entry_id                         1EPI 
_symmetry.space_group_name_H-M             'P 1' 
_symmetry.pdbx_full_space_group_name_H-M   ? 
_symmetry.cell_setting                     ? 
_symmetry.Int_Tables_number                1 
# 
_exptl.entry_id          1EPI 
_exptl.method            'SOLUTION NMR' 
_exptl.crystals_number   ? 
# 
_struct.entry_id                  1EPI 
_struct.title                     
'THREE-DIMENSIONAL NUCLEAR MAGNETIC RESONANCE STRUCTURES OF MOUSE EPIDERMAL GROWTH FACTOR IN ACIDIC AND PHYSIOLOGICAL PH SOLUTIONS' 
_struct.pdbx_model_details        ? 
_struct.pdbx_CASP_flag            ? 
_struct.pdbx_model_type_details   ? 
# 
_struct_keywords.entry_id        1EPI 
_struct_keywords.pdbx_keywords   'GROWTH FACTOR' 
_struct_keywords.text            'GROWTH FACTOR' 
# 
_struct_asym.id                            A 
_struct_asym.pdbx_blank_PDB_chainid_flag   Y 
_struct_asym.pdbx_modified                 N 
_struct_asym.entity_id                     1 
_struct_asym.details                       ? 
# 
_struct_ref.id                         1 
_struct_ref.db_name                    UNP 
_struct_ref.db_code                    EGF_MOUSE 
_struct_ref.entity_id                  1 
_struct_ref.pdbx_db_accession          P01132 
_struct_ref.pdbx_align_begin           1 
_struct_ref.pdbx_seq_one_letter_code   
;MPWGRRPTWLLLAFLLVFLKISILSVTAWQTGNCQPGPLERSERSGTCAGPAPFLVFSQGKSISRIDPDGTNHQQLVVDA
GISADMDIHYKKERLYWVDVERQVLLRVFLNGTGLEKVCNVERKVSGLAIDWIDDEVLWVDQQNGVITVTDMTGKNSRVL
LSSLKHPSNIAVDPIERLMFWSSEVTGSLHRAHLKGVDVKTLLETGGISVLTLDVLDKRLFWVQDSGEGSHAYIHSCDYE
GGSVRLIRHQARHSLSSMAFFGDRIFYSVLKSKAIWIANKHTGKDTVRINLHPSFVTPGKLMVVHPRAQPRTEDAAKDPD
PELLKQRGRPCRFGLCERDPKSHSSACAEGYTLSRDRKYCEDVNECATQNHGCTLGCENTPGSYHCTCPTGFVLLPDGKQ
CHELVSCPGNVSKCSHGCVLTSDGPRCICPAGSVLGRDGKTCTGCSSPDNGGCSQICLPLRPGSWECDCFPGYDLQSDRK
SCAASGPQPLLLFANSQDIRHMHFDGTDYKVLLSRQMGMVFALDYDPVESKIYFAQTALKWIERANMDGSQRERLITEGV
DTLEGLALDWIGRRIYWTDSGKSVVGGSDLSGKHHRIIIQERISRPRGIAVHPRARRLFWTDVGMSPRIESASLQGSDRV
LIASSNLLEPSGITIDYLTDTLYWCDTKRSVIEMANLDGSKRRRLIQNDVGHPFSLAVFEDHLWVSDWAIPSVIRVNKRT
GQNRVRLQGSMLKPSSLVVVHPLAKPGADPCLYRNGGCEHICQESLGTARCLCREGFVKAWDGKMCLPQDYPILSGENAD
LSKEVTSLSNSTQAEVPDDDGTESSTLVAEIMVSGMNYEDDCGPGGCGSHARCVSDGETAECQCLKGFARDGNLCSDIDE
CVLARSDCPSTSSRCINTEGGYVCRCSEGYEGDGISCFDIDECQRGAHNCAENAACTNTEGGYNCTCAGRPSSPGRSCPD
STAPSLLGEDGHHLDRNSYPGCPSSYDGYCLNGGVCMHIESLDSYTCNCVIGYSGDRCQTRDLRWWELRHAGYGQKHDIM
VVAVCMVALVLLLLLGMWGTYYYRTRKQLSNPPKNPCDEPSGSVSSSGPDSSSGAAVASCPQPWFVVLEKHQDPKNGSLP
ADGTNGAVVDAGLSPSLQLGSVHLTSWRQKPHIDGMGTGQSCWIPPSSDRGPQEIEGNSHLPSYRPVGPEKLHSLQSANG
SCHERAPDLPRQTEPVK
;
_struct_ref.pdbx_db_isoform            ? 
# 
_struct_ref_seq.align_id                      1 
_struct_ref_seq.ref_id                        1 
_struct_ref_seq.pdbx_PDB_id_code              1EPI 
_struct_ref_seq.pdbx_strand_id                A 
_struct_ref_seq.seq_align_beg                 1 
_struct_ref_seq.pdbx_seq_align_beg_ins_code   ? 
_struct_ref_seq.seq_align_end                 53 
_struct_ref_seq.pdbx_seq_align_end_ins_code   ? 
_struct_ref_seq.pdbx_db_accession             P01132 
_struct_ref_seq.db_align_beg                  977 
_struct_ref_seq.pdbx_db_align_beg_ins_code    ? 
_struct_ref_seq.db_align_end                  1029 
_struct_ref_seq.pdbx_db_align_end_ins_code    ? 
_struct_ref_seq.pdbx_auth_seq_align_beg       1 
_struct_ref_seq.pdbx_auth_seq_align_end       53 
# 
_pdbx_struct_assembly.id                   1 
_pdbx_struct_assembly.details              author_defined_assembly 
_pdbx_struct_assembly.method_details       ? 
_pdbx_struct_assembly.oligomeric_details   monomeric 
_pdbx_struct_assembly.oligomeric_count     1 
# 
_pdbx_struct_assembly_gen.assembly_id       1 
_pdbx_struct_assembly_gen.oper_expression   1 
_pdbx_struct_assembly_gen.asym_id_list      A 
# 
_pdbx_struct_oper_list.id                   1 
_pdbx_struct_oper_list.type                 'identity operation' 
_pdbx_struct_oper_list.name                 1_555 
_pdbx_struct_oper_list.symmetry_operation   ? 
_pdbx_struct_oper_list.matrix[1][1]         1.0000000000 
_pdbx_struct_oper_list.matrix[1][2]         0.0000000000 
_pdbx_struct_oper_list.matrix[1][3]         0.0000000000 
_pdbx_struct_oper_list.vector[1]            0.0000000000 
_pdbx_struct_oper_list.matrix[2][1]         0.0000000000 
_pdbx_struct_oper_list.matrix[2][2]         1.0000000000 
_pdbx_struct_oper_list.matrix[2][3]         0.0000000000 
_pdbx_struct_oper_list.vector[2]            0.0000000000 
_pdbx_struct_oper_list.matrix[3][1]         0.0000000000 
_pdbx_struct_oper_list.matrix[3][2]         0.0000000000 
_pdbx_struct_oper_list.matrix[3][3]         1.0000000000 
_pdbx_struct_oper_list.vector[3]            0.0000000000 
# 
_struct_biol.id   1 
# 
loop_
_struct_conn.id 
_struct_conn.conn_type_id 
_struct_conn.pdbx_leaving_atom_flag 
_struct_conn.pdbx_PDB_id 
_struct_conn.ptnr1_label_asym_id 
_struct_conn.ptnr1_label_comp_id 
_struct_conn.ptnr1_label_seq_id 
_struct_conn.ptnr1_label_atom_id 
_struct_conn.pdbx_ptnr1_label_alt_id 
_struct_conn.pdbx_ptnr1_PDB_ins_code 
_struct_conn.pdbx_ptnr1_standard_comp_id 
_struct_conn.ptnr1_symmetry 
_struct_conn.ptnr2_label_asym_id 
_struct_conn.ptnr2_label_comp_id 
_struct_conn.ptnr2_label_seq_id 
_struct_conn.ptnr2_label_atom_id 
_struct_conn.pdbx_ptnr2_label_alt_id 
_struct_conn.pdbx_ptnr2_PDB_ins_code 
_struct_conn.ptnr1_auth_asym_id 
_struct_conn.ptnr1_auth_comp_id 
_struct_conn.ptnr1_auth_seq_id 
_struct_conn.ptnr2_auth_asym_id 
_struct_conn.ptnr2_auth_comp_id 
_struct_conn.ptnr2_auth_seq_id 
_struct_conn.ptnr2_symmetry 
_struct_conn.pdbx_ptnr3_label_atom_id 
_struct_conn.pdbx_ptnr3_label_seq_id 
_struct_conn.pdbx_ptnr3_label_comp_id 
_struct_conn.pdbx_ptnr3_label_asym_id 
_struct_conn.pdbx_ptnr3_label_alt_id 
_struct_conn.pdbx_ptnr3_PDB_ins_code 
_struct_conn.details 
_struct_conn.pdbx_dist_value 
_struct_conn.pdbx_value_order 
_struct_conn.pdbx_role 
disulf1 disulf ? ? A CYS 6  SG ? ? ? 1_555 A CYS 20 SG ? ? A CYS 6  A CYS 20 1_555 ? ? ? ? ? ? ? 2.014 ? ? 
disulf2 disulf ? ? A CYS 14 SG ? ? ? 1_555 A CYS 31 SG ? ? A CYS 14 A CYS 31 1_555 ? ? ? ? ? ? ? 2.020 ? ? 
disulf3 disulf ? ? A CYS 33 SG ? ? ? 1_555 A CYS 42 SG ? ? A CYS 33 A CYS 42 1_555 ? ? ? ? ? ? ? 2.027 ? ? 
# 
_struct_conn_type.id          disulf 
_struct_conn_type.criteria    ? 
_struct_conn_type.reference   ? 
# 
loop_
_pdbx_modification_feature.ordinal 
_pdbx_modification_feature.label_comp_id 
_pdbx_modification_feature.label_asym_id 
_pdbx_modification_feature.label_seq_id 
_pdbx_modification_feature.label_alt_id 
_pdbx_modification_feature.modified_residue_label_comp_id 
_pdbx_modification_feature.modified_residue_label_asym_id 
_pdbx_modification_feature.modified_residue_label_seq_id 
_pdbx_modification_feature.modified_residue_label_alt_id 
_pdbx_modification_feature.auth_comp_id 
_pdbx_modification_feature.auth_asym_id 
_pdbx_modification_feature.auth_seq_id 
_pdbx_modification_feature.PDB_ins_code 
_pdbx_modification_feature.symmetry 
_pdbx_modification_feature.modified_residue_auth_comp_id 
_pdbx_modification_feature.modified_residue_auth_asym_id 
_pdbx_modification_feature.modified_residue_auth_seq_id 
_pdbx_modification_feature.modified_residue_PDB_ins_code 
_pdbx_modification_feature.modified_residue_symmetry 
_pdbx_modification_feature.comp_id_linking_atom 
_pdbx_modification_feature.modified_residue_id_linking_atom 
_pdbx_modification_feature.modified_residue_id 
_pdbx_modification_feature.ref_pcm_id 
_pdbx_modification_feature.ref_comp_id 
_pdbx_modification_feature.type 
_pdbx_modification_feature.category 
1 CYS A 6  ? CYS A 20 ? CYS A 6  ? 1_555 CYS A 20 ? 1_555 SG SG . . . None 'Disulfide bridge' 
2 CYS A 14 ? CYS A 31 ? CYS A 14 ? 1_555 CYS A 31 ? 1_555 SG SG . . . None 'Disulfide bridge' 
3 CYS A 33 ? CYS A 42 ? CYS A 33 ? 1_555 CYS A 42 ? 1_555 SG SG . . . None 'Disulfide bridge' 
# 
loop_
_struct_sheet.id 
_struct_sheet.type 
_struct_sheet.number_strands 
_struct_sheet.details 
SAB ? 3 ? 
SC  ? 2 ? 
# 
loop_
_struct_sheet_order.sheet_id 
_struct_sheet_order.range_id_1 
_struct_sheet_order.range_id_2 
_struct_sheet_order.offset 
_struct_sheet_order.sense 
SAB 1 2 ? anti-parallel 
SAB 2 3 ? anti-parallel 
SC  1 2 ? anti-parallel 
# 
loop_
_struct_sheet_range.sheet_id 
_struct_sheet_range.id 
_struct_sheet_range.beg_label_comp_id 
_struct_sheet_range.beg_label_asym_id 
_struct_sheet_range.beg_label_seq_id 
_struct_sheet_range.pdbx_beg_PDB_ins_code 
_struct_sheet_range.end_label_comp_id 
_struct_sheet_range.end_label_asym_id 
_struct_sheet_range.end_label_seq_id 
_struct_sheet_range.pdbx_end_PDB_ins_code 
_struct_sheet_range.beg_auth_comp_id 
_struct_sheet_range.beg_auth_asym_id 
_struct_sheet_range.beg_auth_seq_id 
_struct_sheet_range.end_auth_comp_id 
_struct_sheet_range.end_auth_asym_id 
_struct_sheet_range.end_auth_seq_id 
SAB 1 SER A 2  ? PRO A 4  ? SER A 2  PRO A 4  
SAB 2 VAL A 19 ? ILE A 23 ? VAL A 19 ILE A 23 
SAB 3 SER A 28 ? ASN A 32 ? SER A 28 ASN A 32 
SC  1 TYR A 37 ? SER A 38 ? TYR A 37 SER A 38 
SC  2 THR A 44 ? ARG A 45 ? THR A 44 ARG A 45 
# 
loop_
_pdbx_struct_sheet_hbond.sheet_id 
_pdbx_struct_sheet_hbond.range_id_1 
_pdbx_struct_sheet_hbond.range_id_2 
_pdbx_struct_sheet_hbond.range_1_label_atom_id 
_pdbx_struct_sheet_hbond.range_1_label_comp_id 
_pdbx_struct_sheet_hbond.range_1_label_asym_id 
_pdbx_struct_sheet_hbond.range_1_label_seq_id 
_pdbx_struct_sheet_hbond.range_1_PDB_ins_code 
_pdbx_struct_sheet_hbond.range_1_auth_atom_id 
_pdbx_struct_sheet_hbond.range_1_auth_comp_id 
_pdbx_struct_sheet_hbond.range_1_auth_asym_id 
_pdbx_struct_sheet_hbond.range_1_auth_seq_id 
_pdbx_struct_sheet_hbond.range_2_label_atom_id 
_pdbx_struct_sheet_hbond.range_2_label_comp_id 
_pdbx_struct_sheet_hbond.range_2_label_asym_id 
_pdbx_struct_sheet_hbond.range_2_label_seq_id 
_pdbx_struct_sheet_hbond.range_2_PDB_ins_code 
_pdbx_struct_sheet_hbond.range_2_auth_atom_id 
_pdbx_struct_sheet_hbond.range_2_auth_comp_id 
_pdbx_struct_sheet_hbond.range_2_auth_asym_id 
_pdbx_struct_sheet_hbond.range_2_auth_seq_id 
SAB 1 2 N TYR A 3  ? N TYR A 3  O HIS A 22 ? O HIS A 22 
SAB 2 3 N MET A 21 ? N MET A 21 O THR A 30 ? O THR A 30 
SC  1 2 N SER A 38 ? N SER A 38 O THR A 44 ? O THR A 44 
# 
_pdbx_entry_details.entry_id                   1EPI 
_pdbx_entry_details.compound_details           ? 
_pdbx_entry_details.source_details             ? 
_pdbx_entry_details.nonpolymer_details         ? 
_pdbx_entry_details.sequence_details           ? 
_pdbx_entry_details.has_ligand_of_interest     ? 
_pdbx_entry_details.has_protein_modification   Y 
# 
_pdbx_validate_rmsd_bond.id                        1 
_pdbx_validate_rmsd_bond.PDB_model_num             1 
_pdbx_validate_rmsd_bond.auth_atom_id_1            CG 
_pdbx_validate_rmsd_bond.auth_asym_id_1            A 
_pdbx_validate_rmsd_bond.auth_comp_id_1            HIS 
_pdbx_validate_rmsd_bond.auth_seq_id_1             22 
_pdbx_validate_rmsd_bond.PDB_ins_code_1            ? 
_pdbx_validate_rmsd_bond.label_alt_id_1            ? 
_pdbx_validate_rmsd_bond.auth_atom_id_2            ND1 
_pdbx_validate_rmsd_bond.auth_asym_id_2            A 
_pdbx_validate_rmsd_bond.auth_comp_id_2            HIS 
_pdbx_validate_rmsd_bond.auth_seq_id_2             22 
_pdbx_validate_rmsd_bond.PDB_ins_code_2            ? 
_pdbx_validate_rmsd_bond.label_alt_id_2            ? 
_pdbx_validate_rmsd_bond.bond_value                1.268 
_pdbx_validate_rmsd_bond.bond_target_value         1.369 
_pdbx_validate_rmsd_bond.bond_deviation            -0.101 
_pdbx_validate_rmsd_bond.bond_standard_deviation   0.015 
_pdbx_validate_rmsd_bond.linker_flag               N 
# 
loop_
_pdbx_validate_rmsd_angle.id 
_pdbx_validate_rmsd_angle.PDB_model_num 
_pdbx_validate_rmsd_angle.auth_atom_id_1 
_pdbx_validate_rmsd_angle.auth_asym_id_1 
_pdbx_validate_rmsd_angle.auth_comp_id_1 
_pdbx_validate_rmsd_angle.auth_seq_id_1 
_pdbx_validate_rmsd_angle.PDB_ins_code_1 
_pdbx_validate_rmsd_angle.label_alt_id_1 
_pdbx_validate_rmsd_angle.auth_atom_id_2 
_pdbx_validate_rmsd_angle.auth_asym_id_2 
_pdbx_validate_rmsd_angle.auth_comp_id_2 
_pdbx_validate_rmsd_angle.auth_seq_id_2 
_pdbx_validate_rmsd_angle.PDB_ins_code_2 
_pdbx_validate_rmsd_angle.label_alt_id_2 
_pdbx_validate_rmsd_angle.auth_atom_id_3 
_pdbx_validate_rmsd_angle.auth_asym_id_3 
_pdbx_validate_rmsd_angle.auth_comp_id_3 
_pdbx_validate_rmsd_angle.auth_seq_id_3 
_pdbx_validate_rmsd_angle.PDB_ins_code_3 
_pdbx_validate_rmsd_angle.label_alt_id_3 
_pdbx_validate_rmsd_angle.angle_value 
_pdbx_validate_rmsd_angle.angle_target_value 
_pdbx_validate_rmsd_angle.angle_deviation 
_pdbx_validate_rmsd_angle.angle_standard_deviation 
_pdbx_validate_rmsd_angle.linker_flag 
1 1 CB  A TYR 37 ? ? CG  A TYR 37 ? ? CD2 A TYR 37 ? ? 114.95 121.00 -6.05 0.60 N 
2 1 CG  A TRP 49 ? ? CD1 A TRP 49 ? ? NE1 A TRP 49 ? ? 103.63 110.10 -6.47 1.00 N 
3 1 CD1 A TRP 49 ? ? NE1 A TRP 49 ? ? CE2 A TRP 49 ? ? 115.91 109.00 6.91  0.90 N 
4 1 NE1 A TRP 49 ? ? CE2 A TRP 49 ? ? CZ2 A TRP 49 ? ? 138.50 130.40 8.10  1.10 N 
5 1 NE1 A TRP 49 ? ? CE2 A TRP 49 ? ? CD2 A TRP 49 ? ? 101.20 107.30 -6.10 1.00 N 
6 1 CD1 A TRP 50 ? ? NE1 A TRP 50 ? ? CE2 A TRP 50 ? ? 115.83 109.00 6.83  0.90 N 
# 
loop_
_pdbx_validate_torsion.id 
_pdbx_validate_torsion.PDB_model_num 
_pdbx_validate_torsion.auth_comp_id 
_pdbx_validate_torsion.auth_asym_id 
_pdbx_validate_torsion.auth_seq_id 
_pdbx_validate_torsion.PDB_ins_code 
_pdbx_validate_torsion.label_alt_id 
_pdbx_validate_torsion.phi 
_pdbx_validate_torsion.psi 
1  1 PRO A 4  ? ? -59.43  108.30  
2  1 CYS A 6  ? ? -175.17 116.35  
3  1 PRO A 7  ? ? -51.24  -170.55 
4  1 SER A 9  ? ? -45.53  -11.02  
5  1 TYR A 10 ? ? -102.85 52.68   
6  1 ILE A 23 ? ? 57.95   134.03  
7  1 GLU A 24 ? ? -57.73  -157.91 
8  1 SER A 25 ? ? 58.25   -128.37 
9  1 ASP A 27 ? ? -42.90  -100.58 
10 1 CYS A 33 ? ? -58.57  -154.94 
11 1 ARG A 41 ? ? 172.08  56.94   
12 1 CYS A 42 ? ? 59.57   17.68   
13 1 ASP A 46 ? ? -77.38  46.28   
14 1 LEU A 47 ? ? 40.02   -157.69 
15 1 TRP A 49 ? ? -160.58 -37.65  
16 1 TRP A 50 ? ? -97.65  -96.03  
17 1 GLU A 51 ? ? -67.26  -151.26 
# 
loop_
_pdbx_validate_planes.id 
_pdbx_validate_planes.PDB_model_num 
_pdbx_validate_planes.auth_comp_id 
_pdbx_validate_planes.auth_asym_id 
_pdbx_validate_planes.auth_seq_id 
_pdbx_validate_planes.PDB_ins_code 
_pdbx_validate_planes.label_alt_id 
_pdbx_validate_planes.rmsd 
_pdbx_validate_planes.type 
1 1 TYR A 37 ? ? 0.101 'SIDE CHAIN' 
2 1 ARG A 41 ? ? 0.298 'SIDE CHAIN' 
3 1 ARG A 45 ? ? 0.203 'SIDE CHAIN' 
4 1 ARG A 48 ? ? 0.318 'SIDE CHAIN' 
5 1 ARG A 53 ? ? 0.239 'SIDE CHAIN' 
# 
_pdbx_nmr_ensemble.entry_id                             1EPI 
_pdbx_nmr_ensemble.conformers_calculated_total_number   ? 
_pdbx_nmr_ensemble.conformers_submitted_total_number    1 
_pdbx_nmr_ensemble.conformer_selection_criteria         ? 
# 
_pdbx_nmr_software.classification   refinement 
_pdbx_nmr_software.name             X-PLOR 
_pdbx_nmr_software.version          ? 
_pdbx_nmr_software.authors          BRUNGER 
_pdbx_nmr_software.ordinal          1 
# 
loop_
_chem_comp_atom.comp_id 
_chem_comp_atom.atom_id 
_chem_comp_atom.type_symbol 
_chem_comp_atom.pdbx_aromatic_flag 
_chem_comp_atom.pdbx_stereo_config 
_chem_comp_atom.pdbx_ordinal 
ARG N    N N N 1   
ARG CA   C N S 2   
ARG C    C N N 3   
ARG O    O N N 4   
ARG CB   C N N 5   
ARG CG   C N N 6   
ARG CD   C N N 7   
ARG NE   N N N 8   
ARG CZ   C N N 9   
ARG NH1  N N N 10  
ARG NH2  N N N 11  
ARG OXT  O N N 12  
ARG H    H N N 13  
ARG H2   H N N 14  
ARG HA   H N N 15  
ARG HB2  H N N 16  
ARG HB3  H N N 17  
ARG HG2  H N N 18  
ARG HG3  H N N 19  
ARG HD2  H N N 20  
ARG HD3  H N N 21  
ARG HE   H N N 22  
ARG HH11 H N N 23  
ARG HH12 H N N 24  
ARG HH21 H N N 25  
ARG HH22 H N N 26  
ARG HXT  H N N 27  
ASN N    N N N 28  
ASN CA   C N S 29  
ASN C    C N N 30  
ASN O    O N N 31  
ASN CB   C N N 32  
ASN CG   C N N 33  
ASN OD1  O N N 34  
ASN ND2  N N N 35  
ASN OXT  O N N 36  
ASN H    H N N 37  
ASN H2   H N N 38  
ASN HA   H N N 39  
ASN HB2  H N N 40  
ASN HB3  H N N 41  
ASN HD21 H N N 42  
ASN HD22 H N N 43  
ASN HXT  H N N 44  
ASP N    N N N 45  
ASP CA   C N S 46  
ASP C    C N N 47  
ASP O    O N N 48  
ASP CB   C N N 49  
ASP CG   C N N 50  
ASP OD1  O N N 51  
ASP OD2  O N N 52  
ASP OXT  O N N 53  
ASP H    H N N 54  
ASP H2   H N N 55  
ASP HA   H N N 56  
ASP HB2  H N N 57  
ASP HB3  H N N 58  
ASP HD2  H N N 59  
ASP HXT  H N N 60  
CYS N    N N N 61  
CYS CA   C N R 62  
CYS C    C N N 63  
CYS O    O N N 64  
CYS CB   C N N 65  
CYS SG   S N N 66  
CYS OXT  O N N 67  
CYS H    H N N 68  
CYS H2   H N N 69  
CYS HA   H N N 70  
CYS HB2  H N N 71  
CYS HB3  H N N 72  
CYS HG   H N N 73  
CYS HXT  H N N 74  
GLN N    N N N 75  
GLN CA   C N S 76  
GLN C    C N N 77  
GLN O    O N N 78  
GLN CB   C N N 79  
GLN CG   C N N 80  
GLN CD   C N N 81  
GLN OE1  O N N 82  
GLN NE2  N N N 83  
GLN OXT  O N N 84  
GLN H    H N N 85  
GLN H2   H N N 86  
GLN HA   H N N 87  
GLN HB2  H N N 88  
GLN HB3  H N N 89  
GLN HG2  H N N 90  
GLN HG3  H N N 91  
GLN HE21 H N N 92  
GLN HE22 H N N 93  
GLN HXT  H N N 94  
GLU N    N N N 95  
GLU CA   C N S 96  
GLU C    C N N 97  
GLU O    O N N 98  
GLU CB   C N N 99  
GLU CG   C N N 100 
GLU CD   C N N 101 
GLU OE1  O N N 102 
GLU OE2  O N N 103 
GLU OXT  O N N 104 
GLU H    H N N 105 
GLU H2   H N N 106 
GLU HA   H N N 107 
GLU HB2  H N N 108 
GLU HB3  H N N 109 
GLU HG2  H N N 110 
GLU HG3  H N N 111 
GLU HE2  H N N 112 
GLU HXT  H N N 113 
GLY N    N N N 114 
GLY CA   C N N 115 
GLY C    C N N 116 
GLY O    O N N 117 
GLY OXT  O N N 118 
GLY H    H N N 119 
GLY H2   H N N 120 
GLY HA2  H N N 121 
GLY HA3  H N N 122 
GLY HXT  H N N 123 
HIS N    N N N 124 
HIS CA   C N S 125 
HIS C    C N N 126 
HIS O    O N N 127 
HIS CB   C N N 128 
HIS CG   C Y N 129 
HIS ND1  N Y N 130 
HIS CD2  C Y N 131 
HIS CE1  C Y N 132 
HIS NE2  N Y N 133 
HIS OXT  O N N 134 
HIS H    H N N 135 
HIS H2   H N N 136 
HIS HA   H N N 137 
HIS HB2  H N N 138 
HIS HB3  H N N 139 
HIS HD1  H N N 140 
HIS HD2  H N N 141 
HIS HE1  H N N 142 
HIS HE2  H N N 143 
HIS HXT  H N N 144 
ILE N    N N N 145 
ILE CA   C N S 146 
ILE C    C N N 147 
ILE O    O N N 148 
ILE CB   C N S 149 
ILE CG1  C N N 150 
ILE CG2  C N N 151 
ILE CD1  C N N 152 
ILE OXT  O N N 153 
ILE H    H N N 154 
ILE H2   H N N 155 
ILE HA   H N N 156 
ILE HB   H N N 157 
ILE HG12 H N N 158 
ILE HG13 H N N 159 
ILE HG21 H N N 160 
ILE HG22 H N N 161 
ILE HG23 H N N 162 
ILE HD11 H N N 163 
ILE HD12 H N N 164 
ILE HD13 H N N 165 
ILE HXT  H N N 166 
LEU N    N N N 167 
LEU CA   C N S 168 
LEU C    C N N 169 
LEU O    O N N 170 
LEU CB   C N N 171 
LEU CG   C N N 172 
LEU CD1  C N N 173 
LEU CD2  C N N 174 
LEU OXT  O N N 175 
LEU H    H N N 176 
LEU H2   H N N 177 
LEU HA   H N N 178 
LEU HB2  H N N 179 
LEU HB3  H N N 180 
LEU HG   H N N 181 
LEU HD11 H N N 182 
LEU HD12 H N N 183 
LEU HD13 H N N 184 
LEU HD21 H N N 185 
LEU HD22 H N N 186 
LEU HD23 H N N 187 
LEU HXT  H N N 188 
MET N    N N N 189 
MET CA   C N S 190 
MET C    C N N 191 
MET O    O N N 192 
MET CB   C N N 193 
MET CG   C N N 194 
MET SD   S N N 195 
MET CE   C N N 196 
MET OXT  O N N 197 
MET H    H N N 198 
MET H2   H N N 199 
MET HA   H N N 200 
MET HB2  H N N 201 
MET HB3  H N N 202 
MET HG2  H N N 203 
MET HG3  H N N 204 
MET HE1  H N N 205 
MET HE2  H N N 206 
MET HE3  H N N 207 
MET HXT  H N N 208 
PRO N    N N N 209 
PRO CA   C N S 210 
PRO C    C N N 211 
PRO O    O N N 212 
PRO CB   C N N 213 
PRO CG   C N N 214 
PRO CD   C N N 215 
PRO OXT  O N N 216 
PRO H    H N N 217 
PRO HA   H N N 218 
PRO HB2  H N N 219 
PRO HB3  H N N 220 
PRO HG2  H N N 221 
PRO HG3  H N N 222 
PRO HD2  H N N 223 
PRO HD3  H N N 224 
PRO HXT  H N N 225 
SER N    N N N 226 
SER CA   C N S 227 
SER C    C N N 228 
SER O    O N N 229 
SER CB   C N N 230 
SER OG   O N N 231 
SER OXT  O N N 232 
SER H    H N N 233 
SER H2   H N N 234 
SER HA   H N N 235 
SER HB2  H N N 236 
SER HB3  H N N 237 
SER HG   H N N 238 
SER HXT  H N N 239 
THR N    N N N 240 
THR CA   C N S 241 
THR C    C N N 242 
THR O    O N N 243 
THR CB   C N R 244 
THR OG1  O N N 245 
THR CG2  C N N 246 
THR OXT  O N N 247 
THR H    H N N 248 
THR H2   H N N 249 
THR HA   H N N 250 
THR HB   H N N 251 
THR HG1  H N N 252 
THR HG21 H N N 253 
THR HG22 H N N 254 
THR HG23 H N N 255 
THR HXT  H N N 256 
TRP N    N N N 257 
TRP CA   C N S 258 
TRP C    C N N 259 
TRP O    O N N 260 
TRP CB   C N N 261 
TRP CG   C Y N 262 
TRP CD1  C Y N 263 
TRP CD2  C Y N 264 
TRP NE1  N Y N 265 
TRP CE2  C Y N 266 
TRP CE3  C Y N 267 
TRP CZ2  C Y N 268 
TRP CZ3  C Y N 269 
TRP CH2  C Y N 270 
TRP OXT  O N N 271 
TRP H    H N N 272 
TRP H2   H N N 273 
TRP HA   H N N 274 
TRP HB2  H N N 275 
TRP HB3  H N N 276 
TRP HD1  H N N 277 
TRP HE1  H N N 278 
TRP HE3  H N N 279 
TRP HZ2  H N N 280 
TRP HZ3  H N N 281 
TRP HH2  H N N 282 
TRP HXT  H N N 283 
TYR N    N N N 284 
TYR CA   C N S 285 
TYR C    C N N 286 
TYR O    O N N 287 
TYR CB   C N N 288 
TYR CG   C Y N 289 
TYR CD1  C Y N 290 
TYR CD2  C Y N 291 
TYR CE1  C Y N 292 
TYR CE2  C Y N 293 
TYR CZ   C Y N 294 
TYR OH   O N N 295 
TYR OXT  O N N 296 
TYR H    H N N 297 
TYR H2   H N N 298 
TYR HA   H N N 299 
TYR HB2  H N N 300 
TYR HB3  H N N 301 
TYR HD1  H N N 302 
TYR HD2  H N N 303 
TYR HE1  H N N 304 
TYR HE2  H N N 305 
TYR HH   H N N 306 
TYR HXT  H N N 307 
VAL N    N N N 308 
VAL CA   C N S 309 
VAL C    C N N 310 
VAL O    O N N 311 
VAL CB   C N N 312 
VAL CG1  C N N 313 
VAL CG2  C N N 314 
VAL OXT  O N N 315 
VAL H    H N N 316 
VAL H2   H N N 317 
VAL HA   H N N 318 
VAL HB   H N N 319 
VAL HG11 H N N 320 
VAL HG12 H N N 321 
VAL HG13 H N N 322 
VAL HG21 H N N 323 
VAL HG22 H N N 324 
VAL HG23 H N N 325 
VAL HXT  H N N 326 
# 
loop_
_chem_comp_bond.comp_id 
_chem_comp_bond.atom_id_1 
_chem_comp_bond.atom_id_2 
_chem_comp_bond.value_order 
_chem_comp_bond.pdbx_aromatic_flag 
_chem_comp_bond.pdbx_stereo_config 
_chem_comp_bond.pdbx_ordinal 
ARG N   CA   sing N N 1   
ARG N   H    sing N N 2   
ARG N   H2   sing N N 3   
ARG CA  C    sing N N 4   
ARG CA  CB   sing N N 5   
ARG CA  HA   sing N N 6   
ARG C   O    doub N N 7   
ARG C   OXT  sing N N 8   
ARG CB  CG   sing N N 9   
ARG CB  HB2  sing N N 10  
ARG CB  HB3  sing N N 11  
ARG CG  CD   sing N N 12  
ARG CG  HG2  sing N N 13  
ARG CG  HG3  sing N N 14  
ARG CD  NE   sing N N 15  
ARG CD  HD2  sing N N 16  
ARG CD  HD3  sing N N 17  
ARG NE  CZ   sing N N 18  
ARG NE  HE   sing N N 19  
ARG CZ  NH1  sing N N 20  
ARG CZ  NH2  doub N N 21  
ARG NH1 HH11 sing N N 22  
ARG NH1 HH12 sing N N 23  
ARG NH2 HH21 sing N N 24  
ARG NH2 HH22 sing N N 25  
ARG OXT HXT  sing N N 26  
ASN N   CA   sing N N 27  
ASN N   H    sing N N 28  
ASN N   H2   sing N N 29  
ASN CA  C    sing N N 30  
ASN CA  CB   sing N N 31  
ASN CA  HA   sing N N 32  
ASN C   O    doub N N 33  
ASN C   OXT  sing N N 34  
ASN CB  CG   sing N N 35  
ASN CB  HB2  sing N N 36  
ASN CB  HB3  sing N N 37  
ASN CG  OD1  doub N N 38  
ASN CG  ND2  sing N N 39  
ASN ND2 HD21 sing N N 40  
ASN ND2 HD22 sing N N 41  
ASN OXT HXT  sing N N 42  
ASP N   CA   sing N N 43  
ASP N   H    sing N N 44  
ASP N   H2   sing N N 45  
ASP CA  C    sing N N 46  
ASP CA  CB   sing N N 47  
ASP CA  HA   sing N N 48  
ASP C   O    doub N N 49  
ASP C   OXT  sing N N 50  
ASP CB  CG   sing N N 51  
ASP CB  HB2  sing N N 52  
ASP CB  HB3  sing N N 53  
ASP CG  OD1  doub N N 54  
ASP CG  OD2  sing N N 55  
ASP OD2 HD2  sing N N 56  
ASP OXT HXT  sing N N 57  
CYS N   CA   sing N N 58  
CYS N   H    sing N N 59  
CYS N   H2   sing N N 60  
CYS CA  C    sing N N 61  
CYS CA  CB   sing N N 62  
CYS CA  HA   sing N N 63  
CYS C   O    doub N N 64  
CYS C   OXT  sing N N 65  
CYS CB  SG   sing N N 66  
CYS CB  HB2  sing N N 67  
CYS CB  HB3  sing N N 68  
CYS SG  HG   sing N N 69  
CYS OXT HXT  sing N N 70  
GLN N   CA   sing N N 71  
GLN N   H    sing N N 72  
GLN N   H2   sing N N 73  
GLN CA  C    sing N N 74  
GLN CA  CB   sing N N 75  
GLN CA  HA   sing N N 76  
GLN C   O    doub N N 77  
GLN C   OXT  sing N N 78  
GLN CB  CG   sing N N 79  
GLN CB  HB2  sing N N 80  
GLN CB  HB3  sing N N 81  
GLN CG  CD   sing N N 82  
GLN CG  HG2  sing N N 83  
GLN CG  HG3  sing N N 84  
GLN CD  OE1  doub N N 85  
GLN CD  NE2  sing N N 86  
GLN NE2 HE21 sing N N 87  
GLN NE2 HE22 sing N N 88  
GLN OXT HXT  sing N N 89  
GLU N   CA   sing N N 90  
GLU N   H    sing N N 91  
GLU N   H2   sing N N 92  
GLU CA  C    sing N N 93  
GLU CA  CB   sing N N 94  
GLU CA  HA   sing N N 95  
GLU C   O    doub N N 96  
GLU C   OXT  sing N N 97  
GLU CB  CG   sing N N 98  
GLU CB  HB2  sing N N 99  
GLU CB  HB3  sing N N 100 
GLU CG  CD   sing N N 101 
GLU CG  HG2  sing N N 102 
GLU CG  HG3  sing N N 103 
GLU CD  OE1  doub N N 104 
GLU CD  OE2  sing N N 105 
GLU OE2 HE2  sing N N 106 
GLU OXT HXT  sing N N 107 
GLY N   CA   sing N N 108 
GLY N   H    sing N N 109 
GLY N   H2   sing N N 110 
GLY CA  C    sing N N 111 
GLY CA  HA2  sing N N 112 
GLY CA  HA3  sing N N 113 
GLY C   O    doub N N 114 
GLY C   OXT  sing N N 115 
GLY OXT HXT  sing N N 116 
HIS N   CA   sing N N 117 
HIS N   H    sing N N 118 
HIS N   H2   sing N N 119 
HIS CA  C    sing N N 120 
HIS CA  CB   sing N N 121 
HIS CA  HA   sing N N 122 
HIS C   O    doub N N 123 
HIS C   OXT  sing N N 124 
HIS CB  CG   sing N N 125 
HIS CB  HB2  sing N N 126 
HIS CB  HB3  sing N N 127 
HIS CG  ND1  sing Y N 128 
HIS CG  CD2  doub Y N 129 
HIS ND1 CE1  doub Y N 130 
HIS ND1 HD1  sing N N 131 
HIS CD2 NE2  sing Y N 132 
HIS CD2 HD2  sing N N 133 
HIS CE1 NE2  sing Y N 134 
HIS CE1 HE1  sing N N 135 
HIS NE2 HE2  sing N N 136 
HIS OXT HXT  sing N N 137 
ILE N   CA   sing N N 138 
ILE N   H    sing N N 139 
ILE N   H2   sing N N 140 
ILE CA  C    sing N N 141 
ILE CA  CB   sing N N 142 
ILE CA  HA   sing N N 143 
ILE C   O    doub N N 144 
ILE C   OXT  sing N N 145 
ILE CB  CG1  sing N N 146 
ILE CB  CG2  sing N N 147 
ILE CB  HB   sing N N 148 
ILE CG1 CD1  sing N N 149 
ILE CG1 HG12 sing N N 150 
ILE CG1 HG13 sing N N 151 
ILE CG2 HG21 sing N N 152 
ILE CG2 HG22 sing N N 153 
ILE CG2 HG23 sing N N 154 
ILE CD1 HD11 sing N N 155 
ILE CD1 HD12 sing N N 156 
ILE CD1 HD13 sing N N 157 
ILE OXT HXT  sing N N 158 
LEU N   CA   sing N N 159 
LEU N   H    sing N N 160 
LEU N   H2   sing N N 161 
LEU CA  C    sing N N 162 
LEU CA  CB   sing N N 163 
LEU CA  HA   sing N N 164 
LEU C   O    doub N N 165 
LEU C   OXT  sing N N 166 
LEU CB  CG   sing N N 167 
LEU CB  HB2  sing N N 168 
LEU CB  HB3  sing N N 169 
LEU CG  CD1  sing N N 170 
LEU CG  CD2  sing N N 171 
LEU CG  HG   sing N N 172 
LEU CD1 HD11 sing N N 173 
LEU CD1 HD12 sing N N 174 
LEU CD1 HD13 sing N N 175 
LEU CD2 HD21 sing N N 176 
LEU CD2 HD22 sing N N 177 
LEU CD2 HD23 sing N N 178 
LEU OXT HXT  sing N N 179 
MET N   CA   sing N N 180 
MET N   H    sing N N 181 
MET N   H2   sing N N 182 
MET CA  C    sing N N 183 
MET CA  CB   sing N N 184 
MET CA  HA   sing N N 185 
MET C   O    doub N N 186 
MET C   OXT  sing N N 187 
MET CB  CG   sing N N 188 
MET CB  HB2  sing N N 189 
MET CB  HB3  sing N N 190 
MET CG  SD   sing N N 191 
MET CG  HG2  sing N N 192 
MET CG  HG3  sing N N 193 
MET SD  CE   sing N N 194 
MET CE  HE1  sing N N 195 
MET CE  HE2  sing N N 196 
MET CE  HE3  sing N N 197 
MET OXT HXT  sing N N 198 
PRO N   CA   sing N N 199 
PRO N   CD   sing N N 200 
PRO N   H    sing N N 201 
PRO CA  C    sing N N 202 
PRO CA  CB   sing N N 203 
PRO CA  HA   sing N N 204 
PRO C   O    doub N N 205 
PRO C   OXT  sing N N 206 
PRO CB  CG   sing N N 207 
PRO CB  HB2  sing N N 208 
PRO CB  HB3  sing N N 209 
PRO CG  CD   sing N N 210 
PRO CG  HG2  sing N N 211 
PRO CG  HG3  sing N N 212 
PRO CD  HD2  sing N N 213 
PRO CD  HD3  sing N N 214 
PRO OXT HXT  sing N N 215 
SER N   CA   sing N N 216 
SER N   H    sing N N 217 
SER N   H2   sing N N 218 
SER CA  C    sing N N 219 
SER CA  CB   sing N N 220 
SER CA  HA   sing N N 221 
SER C   O    doub N N 222 
SER C   OXT  sing N N 223 
SER CB  OG   sing N N 224 
SER CB  HB2  sing N N 225 
SER CB  HB3  sing N N 226 
SER OG  HG   sing N N 227 
SER OXT HXT  sing N N 228 
THR N   CA   sing N N 229 
THR N   H    sing N N 230 
THR N   H2   sing N N 231 
THR CA  C    sing N N 232 
THR CA  CB   sing N N 233 
THR CA  HA   sing N N 234 
THR C   O    doub N N 235 
THR C   OXT  sing N N 236 
THR CB  OG1  sing N N 237 
THR CB  CG2  sing N N 238 
THR CB  HB   sing N N 239 
THR OG1 HG1  sing N N 240 
THR CG2 HG21 sing N N 241 
THR CG2 HG22 sing N N 242 
THR CG2 HG23 sing N N 243 
THR OXT HXT  sing N N 244 
TRP N   CA   sing N N 245 
TRP N   H    sing N N 246 
TRP N   H2   sing N N 247 
TRP CA  C    sing N N 248 
TRP CA  CB   sing N N 249 
TRP CA  HA   sing N N 250 
TRP C   O    doub N N 251 
TRP C   OXT  sing N N 252 
TRP CB  CG   sing N N 253 
TRP CB  HB2  sing N N 254 
TRP CB  HB3  sing N N 255 
TRP CG  CD1  doub Y N 256 
TRP CG  CD2  sing Y N 257 
TRP CD1 NE1  sing Y N 258 
TRP CD1 HD1  sing N N 259 
TRP CD2 CE2  doub Y N 260 
TRP CD2 CE3  sing Y N 261 
TRP NE1 CE2  sing Y N 262 
TRP NE1 HE1  sing N N 263 
TRP CE2 CZ2  sing Y N 264 
TRP CE3 CZ3  doub Y N 265 
TRP CE3 HE3  sing N N 266 
TRP CZ2 CH2  doub Y N 267 
TRP CZ2 HZ2  sing N N 268 
TRP CZ3 CH2  sing Y N 269 
TRP CZ3 HZ3  sing N N 270 
TRP CH2 HH2  sing N N 271 
TRP OXT HXT  sing N N 272 
TYR N   CA   sing N N 273 
TYR N   H    sing N N 274 
TYR N   H2   sing N N 275 
TYR CA  C    sing N N 276 
TYR CA  CB   sing N N 277 
TYR CA  HA   sing N N 278 
TYR C   O    doub N N 279 
TYR C   OXT  sing N N 280 
TYR CB  CG   sing N N 281 
TYR CB  HB2  sing N N 282 
TYR CB  HB3  sing N N 283 
TYR CG  CD1  doub Y N 284 
TYR CG  CD2  sing Y N 285 
TYR CD1 CE1  sing Y N 286 
TYR CD1 HD1  sing N N 287 
TYR CD2 CE2  doub Y N 288 
TYR CD2 HD2  sing N N 289 
TYR CE1 CZ   doub Y N 290 
TYR CE1 HE1  sing N N 291 
TYR CE2 CZ   sing Y N 292 
TYR CE2 HE2  sing N N 293 
TYR CZ  OH   sing N N 294 
TYR OH  HH   sing N N 295 
TYR OXT HXT  sing N N 296 
VAL N   CA   sing N N 297 
VAL N   H    sing N N 298 
VAL N   H2   sing N N 299 
VAL CA  C    sing N N 300 
VAL CA  CB   sing N N 301 
VAL CA  HA   sing N N 302 
VAL C   O    doub N N 303 
VAL C   OXT  sing N N 304 
VAL CB  CG1  sing N N 305 
VAL CB  CG2  sing N N 306 
VAL CB  HB   sing N N 307 
VAL CG1 HG11 sing N N 308 
VAL CG1 HG12 sing N N 309 
VAL CG1 HG13 sing N N 310 
VAL CG2 HG21 sing N N 311 
VAL CG2 HG22 sing N N 312 
VAL CG2 HG23 sing N N 313 
VAL OXT HXT  sing N N 314 
# 
_atom_sites.entry_id                    1EPI 
_atom_sites.fract_transf_matrix[1][1]   1.000000 
_atom_sites.fract_transf_matrix[1][2]   0.000000 
_atom_sites.fract_transf_matrix[1][3]   0.000000 
_atom_sites.fract_transf_matrix[2][1]   0.000000 
_atom_sites.fract_transf_matrix[2][2]   1.000000 
_atom_sites.fract_transf_matrix[2][3]   0.000000 
_atom_sites.fract_transf_matrix[3][1]   0.000000 
_atom_sites.fract_transf_matrix[3][2]   0.000000 
_atom_sites.fract_transf_matrix[3][3]   1.000000 
_atom_sites.fract_transf_vector[1]      0.00000 
_atom_sites.fract_transf_vector[2]      0.00000 
_atom_sites.fract_transf_vector[3]      0.00000 
# 
loop_
_atom_type.symbol 
C 
H 
N 
O 
S 
# 
loop_
_atom_site.group_PDB 
_atom_site.id 
_atom_site.type_symbol 
_atom_site.label_atom_id 
_atom_site.label_alt_id 
_atom_site.label_comp_id 
_atom_site.label_asym_id 
_atom_site.label_entity_id 
_atom_site.label_seq_id 
_atom_site.pdbx_PDB_ins_code 
_atom_site.Cartn_x 
_atom_site.Cartn_y 
_atom_site.Cartn_z 
_atom_site.occupancy 
_atom_site.B_iso_or_equiv 
_atom_site.pdbx_formal_charge 
_atom_site.auth_seq_id 
_atom_site.auth_comp_id 
_atom_site.auth_asym_id 
_atom_site.auth_atom_id 
_atom_site.pdbx_PDB_model_num 
ATOM 1   N N    . ASN A 1 1  ? -10.662 -12.168 -3.372  1.00 4.61 ? 1  ASN A N    1 
ATOM 2   C CA   . ASN A 1 1  ? -10.940 -10.973 -4.210  1.00 3.77 ? 1  ASN A CA   1 
ATOM 3   C C    . ASN A 1 1  ? -9.721  -10.057 -4.232  1.00 3.08 ? 1  ASN A C    1 
ATOM 4   O O    . ASN A 1 1  ? -9.283  -9.627  -5.281  1.00 3.22 ? 1  ASN A O    1 
ATOM 5   C CB   . ASN A 1 1  ? -12.126 -10.191 -3.630  1.00 4.83 ? 1  ASN A CB   1 
ATOM 6   C CG   . ASN A 1 1  ? -13.314 -11.136 -3.443  1.00 5.69 ? 1  ASN A CG   1 
ATOM 7   O OD1  . ASN A 1 1  ? -13.824 -11.303 -2.354  1.00 6.84 ? 1  ASN A OD1  1 
ATOM 8   N ND2  . ASN A 1 1  ? -13.785 -11.774 -4.480  1.00 5.81 ? 1  ASN A ND2  1 
ATOM 9   H H1   . ASN A 1 1  ? -9.675  -12.463 -3.508  1.00 5.24 ? 1  ASN A H1   1 
ATOM 10  H H2   . ASN A 1 1  ? -10.821 -11.934 -2.372  1.00 4.98 ? 1  ASN A H2   1 
ATOM 11  H H3   . ASN A 1 1  ? -11.298 -12.943 -3.652  1.00 4.80 ? 1  ASN A H3   1 
ATOM 12  H HA   . ASN A 1 1  ? -11.150 -11.298 -5.225  1.00 3.99 ? 1  ASN A HA   1 
ATOM 13  H HB2  . ASN A 1 1  ? -11.853 -9.768  -2.675  1.00 5.36 ? 1  ASN A HB2  1 
ATOM 14  H HB3  . ASN A 1 1  ? -12.406 -9.396  -4.306  1.00 5.15 ? 1  ASN A HB3  1 
ATOM 15  H HD21 . ASN A 1 1  ? -13.377 -11.644 -5.362  1.00 5.52 ? 1  ASN A HD21 1 
ATOM 16  H HD22 . ASN A 1 1  ? -14.545 -12.384 -4.377  1.00 6.68 ? 1  ASN A HD22 1 
ATOM 17  N N    . SER A 1 2  ? -9.195  -9.776  -3.071  1.00 2.63 ? 2  SER A N    1 
ATOM 18  C CA   . SER A 1 2  ? -8.004  -8.889  -3.008  1.00 1.99 ? 2  SER A CA   1 
ATOM 19  C C    . SER A 1 2  ? -6.721  -9.688  -3.226  1.00 1.70 ? 2  SER A C    1 
ATOM 20  O O    . SER A 1 2  ? -5.882  -9.771  -2.349  1.00 2.15 ? 2  SER A O    1 
ATOM 21  C CB   . SER A 1 2  ? -7.956  -8.241  -1.617  1.00 2.22 ? 2  SER A CB   1 
ATOM 22  O OG   . SER A 1 2  ? -7.905  -9.341  -0.720  1.00 3.00 ? 2  SER A OG   1 
ATOM 23  H H    . SER A 1 2  ? -9.581  -10.147 -2.251  1.00 2.91 ? 2  SER A H    1 
ATOM 24  H HA   . SER A 1 2  ? -8.085  -8.134  -3.783  1.00 1.84 ? 2  SER A HA   1 
ATOM 25  H HB2  . SER A 1 2  ? -7.072  -7.630  -1.510  1.00 2.98 ? 2  SER A HB2  1 
ATOM 26  H HB3  . SER A 1 2  ? -8.845  -7.654  -1.438  1.00 2.18 ? 2  SER A HB3  1 
ATOM 27  H HG   . SER A 1 2  ? -8.365  -10.078 -1.127  1.00 3.49 ? 2  SER A HG   1 
ATOM 28  N N    . TYR A 1 3  ? -6.592  -10.261 -4.393  1.00 1.55 ? 3  TYR A N    1 
ATOM 29  C CA   . TYR A 1 3  ? -5.369  -11.057 -4.683  1.00 1.33 ? 3  TYR A CA   1 
ATOM 30  C C    . TYR A 1 3  ? -4.200  -10.127 -5.047  1.00 0.98 ? 3  TYR A C    1 
ATOM 31  O O    . TYR A 1 3  ? -4.419  -9.036  -5.532  1.00 0.93 ? 3  TYR A O    1 
ATOM 32  C CB   . TYR A 1 3  ? -5.658  -11.944 -5.903  1.00 1.71 ? 3  TYR A CB   1 
ATOM 33  C CG   . TYR A 1 3  ? -6.201  -13.299 -5.447  1.00 1.93 ? 3  TYR A CG   1 
ATOM 34  C CD1  . TYR A 1 3  ? -7.453  -13.396 -4.877  1.00 2.52 ? 3  TYR A CD1  1 
ATOM 35  C CD2  . TYR A 1 3  ? -5.453  -14.446 -5.618  1.00 2.20 ? 3  TYR A CD2  1 
ATOM 36  C CE1  . TYR A 1 3  ? -7.950  -14.621 -4.484  1.00 3.34 ? 3  TYR A CE1  1 
ATOM 37  C CE2  . TYR A 1 3  ? -5.951  -15.672 -5.226  1.00 2.98 ? 3  TYR A CE2  1 
ATOM 38  C CZ   . TYR A 1 3  ? -7.204  -15.769 -4.657  1.00 3.56 ? 3  TYR A CZ   1 
ATOM 39  O OH   . TYR A 1 3  ? -7.704  -16.994 -4.272  1.00 4.46 ? 3  TYR A OH   1 
ATOM 40  H H    . TYR A 1 3  ? -7.295  -10.169 -5.069  1.00 2.07 ? 3  TYR A H    1 
ATOM 41  H HA   . TYR A 1 3  ? -5.132  -11.650 -3.813  1.00 1.40 ? 3  TYR A HA   1 
ATOM 42  H HB2  . TYR A 1 3  ? -6.389  -11.465 -6.536  1.00 2.35 ? 3  TYR A HB2  1 
ATOM 43  H HB3  . TYR A 1 3  ? -4.749  -12.098 -6.465  1.00 1.87 ? 3  TYR A HB3  1 
ATOM 44  H HD1  . TYR A 1 3  ? -8.048  -12.506 -4.737  1.00 2.51 ? 3  TYR A HD1  1 
ATOM 45  H HD2  . TYR A 1 3  ? -4.471  -14.386 -6.063  1.00 2.04 ? 3  TYR A HD2  1 
ATOM 46  H HE1  . TYR A 1 3  ? -8.933  -14.683 -4.040  1.00 3.89 ? 3  TYR A HE1  1 
ATOM 47  H HE2  . TYR A 1 3  ? -5.356  -16.561 -5.366  1.00 3.27 ? 3  TYR A HE2  1 
ATOM 48  H HH   . TYR A 1 3  ? -7.861  -17.513 -5.064  1.00 4.70 ? 3  TYR A HH   1 
ATOM 49  N N    . PRO A 1 4  ? -2.975  -10.564 -4.813  1.00 0.88 ? 4  PRO A N    1 
ATOM 50  C CA   . PRO A 1 4  ? -1.804  -9.734  -5.138  1.00 0.86 ? 4  PRO A CA   1 
ATOM 51  C C    . PRO A 1 4  ? -1.788  -9.407  -6.632  1.00 0.73 ? 4  PRO A C    1 
ATOM 52  O O    . PRO A 1 4  ? -1.528  -10.265 -7.451  1.00 0.99 ? 4  PRO A O    1 
ATOM 53  C CB   . PRO A 1 4  ? -0.589  -10.611 -4.787  1.00 1.06 ? 4  PRO A CB   1 
ATOM 54  C CG   . PRO A 1 4  ? -1.121  -11.974 -4.279  1.00 1.24 ? 4  PRO A CG   1 
ATOM 55  C CD   . PRO A 1 4  ? -2.652  -11.882 -4.224  1.00 1.16 ? 4  PRO A CD   1 
ATOM 56  H HA   . PRO A 1 4  ? -1.821  -8.821  -4.553  1.00 0.93 ? 4  PRO A HA   1 
ATOM 57  H HB2  . PRO A 1 4  ? 0.024   -10.759 -5.664  1.00 1.00 ? 4  PRO A HB2  1 
ATOM 58  H HB3  . PRO A 1 4  ? -0.001  -10.134 -4.015  1.00 1.24 ? 4  PRO A HB3  1 
ATOM 59  H HG2  . PRO A 1 4  ? -0.823  -12.762 -4.955  1.00 1.31 ? 4  PRO A HG2  1 
ATOM 60  H HG3  . PRO A 1 4  ? -0.729  -12.178 -3.293  1.00 1.45 ? 4  PRO A HG3  1 
ATOM 61  H HD2  . PRO A 1 4  ? -3.107  -12.674 -4.800  1.00 1.31 ? 4  PRO A HD2  1 
ATOM 62  H HD3  . PRO A 1 4  ? -2.984  -11.925 -3.196  1.00 1.29 ? 4  PRO A HD3  1 
ATOM 63  N N    . GLY A 1 5  ? -2.069  -8.176  -6.959  1.00 0.67 ? 5  GLY A N    1 
ATOM 64  C CA   . GLY A 1 5  ? -2.074  -7.790  -8.400  1.00 0.58 ? 5  GLY A CA   1 
ATOM 65  C C    . GLY A 1 5  ? -1.604  -6.349  -8.574  1.00 0.52 ? 5  GLY A C    1 
ATOM 66  O O    . GLY A 1 5  ? -2.208  -5.442  -8.052  1.00 0.71 ? 5  GLY A O    1 
ATOM 67  H H    . GLY A 1 5  ? -2.268  -7.512  -6.268  1.00 0.85 ? 5  GLY A H    1 
ATOM 68  H HA2  . GLY A 1 5  ? -1.425  -8.451  -8.951  1.00 0.66 ? 5  GLY A HA2  1 
ATOM 69  H HA3  . GLY A 1 5  ? -3.080  -7.876  -8.775  1.00 0.69 ? 5  GLY A HA3  1 
ATOM 70  N N    . CYS A 1 6  ? -0.557  -6.153  -9.333  1.00 0.42 ? 6  CYS A N    1 
ATOM 71  C CA   . CYS A 1 6  ? -0.072  -4.761  -9.519  1.00 0.60 ? 6  CYS A CA   1 
ATOM 72  C C    . CYS A 1 6  ? 1.093   -4.677  -10.532 1.00 0.64 ? 6  CYS A C    1 
ATOM 73  O O    . CYS A 1 6  ? 2.143   -5.233  -10.282 1.00 0.72 ? 6  CYS A O    1 
ATOM 74  C CB   . CYS A 1 6  ? 0.483   -4.317  -8.170  1.00 0.77 ? 6  CYS A CB   1 
ATOM 75  S SG   . CYS A 1 6  ? 1.830   -5.310  -7.489  1.00 1.29 ? 6  CYS A SG   1 
ATOM 76  H H    . CYS A 1 6  ? -0.108  -6.906  -9.773  1.00 0.43 ? 6  CYS A H    1 
ATOM 77  H HA   . CYS A 1 6  ? -0.896  -4.134  -9.811  1.00 0.70 ? 6  CYS A HA   1 
ATOM 78  H HB2  . CYS A 1 6  ? 0.830   -3.306  -8.264  1.00 1.26 ? 6  CYS A HB2  1 
ATOM 79  H HB3  . CYS A 1 6  ? -0.318  -4.315  -7.450  1.00 1.16 ? 6  CYS A HB3  1 
ATOM 80  N N    . PRO A 1 7  ? 0.912   -3.995  -11.658 1.00 0.66 ? 7  PRO A N    1 
ATOM 81  C CA   . PRO A 1 7  ? 1.994   -3.882  -12.654 1.00 0.80 ? 7  PRO A CA   1 
ATOM 82  C C    . PRO A 1 7  ? 3.303   -3.410  -12.030 1.00 0.94 ? 7  PRO A C    1 
ATOM 83  O O    . PRO A 1 7  ? 3.429   -3.330  -10.826 1.00 0.93 ? 7  PRO A O    1 
ATOM 84  C CB   . PRO A 1 7  ? 1.476   -2.855  -13.673 1.00 0.93 ? 7  PRO A CB   1 
ATOM 85  C CG   . PRO A 1 7  ? -0.040  -2.673  -13.412 1.00 1.01 ? 7  PRO A CG   1 
ATOM 86  C CD   . PRO A 1 7  ? -0.353  -3.331  -12.061 1.00 0.77 ? 7  PRO A CD   1 
ATOM 87  H HA   . PRO A 1 7  ? 2.166   -4.840  -13.119 1.00 0.83 ? 7  PRO A HA   1 
ATOM 88  H HB2  . PRO A 1 7  ? 1.988   -1.913  -13.537 1.00 0.97 ? 7  PRO A HB2  1 
ATOM 89  H HB3  . PRO A 1 7  ? 1.640   -3.214  -14.678 1.00 1.02 ? 7  PRO A HB3  1 
ATOM 90  H HG2  . PRO A 1 7  ? -0.286  -1.621  -13.375 1.00 1.17 ? 7  PRO A HG2  1 
ATOM 91  H HG3  . PRO A 1 7  ? -0.611  -3.152  -14.195 1.00 1.19 ? 7  PRO A HG3  1 
ATOM 92  H HD2  . PRO A 1 7  ? -0.637  -2.579  -11.346 1.00 0.76 ? 7  PRO A HD2  1 
ATOM 93  H HD3  . PRO A 1 7  ? -1.140  -4.063  -12.167 1.00 0.80 ? 7  PRO A HD3  1 
ATOM 94  N N    . SER A 1 8  ? 4.252   -3.102  -12.869 1.00 1.14 ? 8  SER A N    1 
ATOM 95  C CA   . SER A 1 8  ? 5.560   -2.641  -12.343 1.00 1.37 ? 8  SER A CA   1 
ATOM 96  C C    . SER A 1 8  ? 5.487   -1.261  -11.680 1.00 1.49 ? 8  SER A C    1 
ATOM 97  O O    . SER A 1 8  ? 6.005   -1.069  -10.597 1.00 2.14 ? 8  SER A O    1 
ATOM 98  C CB   . SER A 1 8  ? 6.551   -2.571  -13.511 1.00 1.48 ? 8  SER A CB   1 
ATOM 99  O OG   . SER A 1 8  ? 5.745   -2.224  -14.628 1.00 2.08 ? 8  SER A OG   1 
ATOM 100 H H    . SER A 1 8  ? 4.104   -3.174  -13.836 1.00 1.18 ? 8  SER A H    1 
ATOM 101 H HA   . SER A 1 8  ? 5.886   -3.366  -11.611 1.00 1.53 ? 8  SER A HA   1 
ATOM 102 H HB2  . SER A 1 8  ? 7.296   -1.809  -13.336 1.00 1.97 ? 8  SER A HB2  1 
ATOM 103 H HB3  . SER A 1 8  ? 7.021   -3.529  -13.673 1.00 1.85 ? 8  SER A HB3  1 
ATOM 104 H HG   . SER A 1 8  ? 6.236   -2.438  -15.424 1.00 2.60 ? 8  SER A HG   1 
ATOM 105 N N    . SER A 1 9  ? 4.861   -0.326  -12.344 1.00 1.24 ? 9  SER A N    1 
ATOM 106 C CA   . SER A 1 9  ? 4.748   1.049   -11.767 1.00 1.37 ? 9  SER A CA   1 
ATOM 107 C C    . SER A 1 9  ? 4.343   1.022   -10.290 1.00 1.49 ? 9  SER A C    1 
ATOM 108 O O    . SER A 1 9  ? 4.395   2.031   -9.613  1.00 2.56 ? 9  SER A O    1 
ATOM 109 C CB   . SER A 1 9  ? 3.669   1.807   -12.551 1.00 1.47 ? 9  SER A CB   1 
ATOM 110 O OG   . SER A 1 9  ? 2.770   0.790   -12.974 1.00 1.97 ? 9  SER A OG   1 
ATOM 111 H H    . SER A 1 9  ? 4.467   -0.526  -13.218 1.00 1.62 ? 9  SER A H    1 
ATOM 112 H HA   . SER A 1 9  ? 5.706   1.548   -11.858 1.00 1.50 ? 9  SER A HA   1 
ATOM 113 H HB2  . SER A 1 9  ? 3.159   2.515   -11.916 1.00 2.10 ? 9  SER A HB2  1 
ATOM 114 H HB3  . SER A 1 9  ? 4.097   2.306   -13.409 1.00 2.02 ? 9  SER A HB3  1 
ATOM 115 H HG   . SER A 1 9  ? 3.060   0.477   -13.832 1.00 2.39 ? 9  SER A HG   1 
ATOM 116 N N    . TYR A 1 10 ? 3.947   -0.128  -9.827  1.00 0.96 ? 10 TYR A N    1 
ATOM 117 C CA   . TYR A 1 10 ? 3.533   -0.257  -8.405  1.00 1.02 ? 10 TYR A CA   1 
ATOM 118 C C    . TYR A 1 10 ? 4.625   -0.920  -7.568  1.00 1.03 ? 10 TYR A C    1 
ATOM 119 O O    . TYR A 1 10 ? 4.385   -1.889  -6.876  1.00 1.42 ? 10 TYR A O    1 
ATOM 120 C CB   . TYR A 1 10 ? 2.272   -1.115  -8.399  1.00 1.15 ? 10 TYR A CB   1 
ATOM 121 C CG   . TYR A 1 10 ? 1.102   -0.189  -8.703  1.00 0.72 ? 10 TYR A CG   1 
ATOM 122 C CD1  . TYR A 1 10 ? 0.730   0.747   -7.778  1.00 0.70 ? 10 TYR A CD1  1 
ATOM 123 C CD2  . TYR A 1 10 ? 0.473   -0.211  -9.927  1.00 0.67 ? 10 TYR A CD2  1 
ATOM 124 C CE1  . TYR A 1 10 ? -0.242  1.670   -8.052  1.00 0.65 ? 10 TYR A CE1  1 
ATOM 125 C CE2  . TYR A 1 10 ? -0.516  0.709   -10.217 1.00 0.99 ? 10 TYR A CE2  1 
ATOM 126 C CZ   . TYR A 1 10 ? -0.884  1.661   -9.278  1.00 1.02 ? 10 TYR A CZ   1 
ATOM 127 O OH   . TYR A 1 10 ? -1.876  2.579   -9.559  1.00 1.50 ? 10 TYR A OH   1 
ATOM 128 H H    . TYR A 1 10 ? 3.913   -0.909  -10.416 1.00 1.50 ? 10 TYR A H    1 
ATOM 129 H HA   . TYR A 1 10 ? 3.324   0.731   -7.990  1.00 1.05 ? 10 TYR A HA   1 
ATOM 130 H HB2  . TYR A 1 10 ? 2.344   -1.873  -9.164  1.00 1.48 ? 10 TYR A HB2  1 
ATOM 131 H HB3  . TYR A 1 10 ? 2.134   -1.574  -7.432  1.00 1.39 ? 10 TYR A HB3  1 
ATOM 132 H HD1  . TYR A 1 10 ? 1.189   0.735   -6.816  1.00 0.99 ? 10 TYR A HD1  1 
ATOM 133 H HD2  . TYR A 1 10 ? 0.762   -0.947  -10.663 1.00 0.76 ? 10 TYR A HD2  1 
ATOM 134 H HE1  . TYR A 1 10 ? -0.471  2.432   -7.315  1.00 0.70 ? 10 TYR A HE1  1 
ATOM 135 H HE2  . TYR A 1 10 ? -1.012  0.679   -11.179 1.00 1.31 ? 10 TYR A HE2  1 
ATOM 136 H HH   . TYR A 1 10 ? -1.657  3.008   -10.390 1.00 2.05 ? 10 TYR A HH   1 
ATOM 137 N N    . ASP A 1 11 ? 5.808   -0.372  -7.662  1.00 0.96 ? 11 ASP A N    1 
ATOM 138 C CA   . ASP A 1 11 ? 6.954   -0.924  -6.893  1.00 1.08 ? 11 ASP A CA   1 
ATOM 139 C C    . ASP A 1 11 ? 7.626   0.194   -6.105  1.00 1.15 ? 11 ASP A C    1 
ATOM 140 O O    . ASP A 1 11 ? 8.629   -0.011  -5.452  1.00 1.65 ? 11 ASP A O    1 
ATOM 141 C CB   . ASP A 1 11 ? 7.968   -1.515  -7.880  1.00 1.00 ? 11 ASP A CB   1 
ATOM 142 C CG   . ASP A 1 11 ? 9.095   -2.192  -7.099  1.00 1.63 ? 11 ASP A CG   1 
ATOM 143 O OD1  . ASP A 1 11 ? 8.916   -3.359  -6.791  1.00 2.08 ? 11 ASP A OD1  1 
ATOM 144 O OD2  . ASP A 1 11 ? 10.072  -1.503  -6.851  1.00 1.91 ? 11 ASP A OD2  1 
ATOM 145 H H    . ASP A 1 11 ? 5.939   0.407   -8.242  1.00 1.12 ? 11 ASP A H    1 
ATOM 146 H HA   . ASP A 1 11 ? 6.596   -1.678  -6.201  1.00 1.39 ? 11 ASP A HA   1 
ATOM 147 H HB2  . ASP A 1 11 ? 7.483   -2.245  -8.511  1.00 1.27 ? 11 ASP A HB2  1 
ATOM 148 H HB3  . ASP A 1 11 ? 8.382   -0.730  -8.496  1.00 1.01 ? 11 ASP A HB3  1 
ATOM 149 N N    . GLY A 1 12 ? 7.047   1.364   -6.187  1.00 0.89 ? 12 GLY A N    1 
ATOM 150 C CA   . GLY A 1 12 ? 7.623   2.523   -5.455  1.00 1.07 ? 12 GLY A CA   1 
ATOM 151 C C    . GLY A 1 12 ? 6.584   3.642   -5.328  1.00 0.89 ? 12 GLY A C    1 
ATOM 152 O O    . GLY A 1 12 ? 6.872   4.697   -4.799  1.00 1.08 ? 12 GLY A O    1 
ATOM 153 H H    . GLY A 1 12 ? 6.239   1.476   -6.729  1.00 0.98 ? 12 GLY A H    1 
ATOM 154 H HA2  . GLY A 1 12 ? 7.930   2.207   -4.468  1.00 1.36 ? 12 GLY A HA2  1 
ATOM 155 H HA3  . GLY A 1 12 ? 8.481   2.895   -5.994  1.00 1.36 ? 12 GLY A HA3  1 
ATOM 156 N N    . TYR A 1 13 ? 5.395   3.392   -5.812  1.00 0.67 ? 13 TYR A N    1 
ATOM 157 C CA   . TYR A 1 13 ? 4.344   4.439   -5.718  1.00 0.60 ? 13 TYR A CA   1 
ATOM 158 C C    . TYR A 1 13 ? 4.114   4.811   -4.257  1.00 0.64 ? 13 TYR A C    1 
ATOM 159 O O    . TYR A 1 13 ? 3.776   5.935   -3.946  1.00 0.97 ? 13 TYR A O    1 
ATOM 160 C CB   . TYR A 1 13 ? 3.047   3.893   -6.356  1.00 0.64 ? 13 TYR A CB   1 
ATOM 161 C CG   . TYR A 1 13 ? 1.879   3.924   -5.374  1.00 0.46 ? 13 TYR A CG   1 
ATOM 162 C CD1  . TYR A 1 13 ? 1.339   5.116   -4.929  1.00 0.80 ? 13 TYR A CD1  1 
ATOM 163 C CD2  . TYR A 1 13 ? 1.270   2.748   -5.020  1.00 0.74 ? 13 TYR A CD2  1 
ATOM 164 C CE1  . TYR A 1 13 ? 0.198   5.116   -4.150  1.00 1.04 ? 13 TYR A CE1  1 
ATOM 165 C CE2  . TYR A 1 13 ? 0.137   2.744   -4.260  1.00 0.96 ? 13 TYR A CE2  1 
ATOM 166 C CZ   . TYR A 1 13 ? -0.413  3.926   -3.809  1.00 1.07 ? 13 TYR A CZ   1 
ATOM 167 O OH   . TYR A 1 13 ? -1.554  3.920   -3.034  1.00 1.40 ? 13 TYR A OH   1 
ATOM 168 H H    . TYR A 1 13 ? 5.197   2.525   -6.226  1.00 0.78 ? 13 TYR A H    1 
ATOM 169 H HA   . TYR A 1 13 ? 4.689   5.322   -6.249  1.00 0.81 ? 13 TYR A HA   1 
ATOM 170 H HB2  . TYR A 1 13 ? 2.786   4.485   -7.217  1.00 0.85 ? 13 TYR A HB2  1 
ATOM 171 H HB3  . TYR A 1 13 ? 3.199   2.870   -6.674  1.00 0.83 ? 13 TYR A HB3  1 
ATOM 172 H HD1  . TYR A 1 13 ? 1.806   6.052   -5.194  1.00 1.00 ? 13 TYR A HD1  1 
ATOM 173 H HD2  . TYR A 1 13 ? 1.722   1.815   -5.288  1.00 0.93 ? 13 TYR A HD2  1 
ATOM 174 H HE1  . TYR A 1 13 ? -0.213  6.051   -3.795  1.00 1.31 ? 13 TYR A HE1  1 
ATOM 175 H HE2  . TYR A 1 13 ? -0.353  1.808   -4.068  1.00 1.23 ? 13 TYR A HE2  1 
ATOM 176 H HH   . TYR A 1 13 ? -2.118  4.638   -3.332  1.00 1.28 ? 13 TYR A HH   1 
ATOM 177 N N    . CYS A 1 14 ? 4.323   3.857   -3.386  1.00 0.61 ? 14 CYS A N    1 
ATOM 178 C CA   . CYS A 1 14 ? 4.128   4.124   -1.932  1.00 0.83 ? 14 CYS A CA   1 
ATOM 179 C C    . CYS A 1 14 ? 5.476   4.244   -1.215  1.00 0.78 ? 14 CYS A C    1 
ATOM 180 O O    . CYS A 1 14 ? 6.374   3.460   -1.446  1.00 0.75 ? 14 CYS A O    1 
ATOM 181 C CB   . CYS A 1 14 ? 3.356   2.954   -1.311  1.00 1.10 ? 14 CYS A CB   1 
ATOM 182 S SG   . CYS A 1 14 ? 2.367   1.918   -2.413  1.00 1.36 ? 14 CYS A SG   1 
ATOM 183 H H    . CYS A 1 14 ? 4.597   2.966   -3.693  1.00 0.70 ? 14 CYS A H    1 
ATOM 184 H HA   . CYS A 1 14 ? 3.582   5.053   -1.810  1.00 0.95 ? 14 CYS A HA   1 
ATOM 185 H HB2  . CYS A 1 14 ? 4.064   2.312   -0.810  1.00 1.30 ? 14 CYS A HB2  1 
ATOM 186 H HB3  . CYS A 1 14 ? 2.691   3.352   -0.559  1.00 1.22 ? 14 CYS A HB3  1 
ATOM 187 N N    . LEU A 1 15 ? 5.593   5.228   -0.358  1.00 0.86 ? 15 LEU A N    1 
ATOM 188 C CA   . LEU A 1 15 ? 6.877   5.406   0.380   1.00 0.89 ? 15 LEU A CA   1 
ATOM 189 C C    . LEU A 1 15 ? 6.934   4.437   1.555   1.00 0.88 ? 15 LEU A C    1 
ATOM 190 O O    . LEU A 1 15 ? 7.991   4.051   2.010   1.00 1.56 ? 15 LEU A O    1 
ATOM 191 C CB   . LEU A 1 15 ? 6.956   6.836   0.951   1.00 0.94 ? 15 LEU A CB   1 
ATOM 192 C CG   . LEU A 1 15 ? 6.078   7.804   0.148   1.00 0.98 ? 15 LEU A CG   1 
ATOM 193 C CD1  . LEU A 1 15 ? 4.697   7.906   0.808   1.00 0.89 ? 15 LEU A CD1  1 
ATOM 194 C CD2  . LEU A 1 15 ? 6.736   9.184   0.160   1.00 1.46 ? 15 LEU A CD2  1 
ATOM 195 H H    . LEU A 1 15 ? 4.844   5.840   -0.203  1.00 1.01 ? 15 LEU A H    1 
ATOM 196 H HA   . LEU A 1 15 ? 7.706   5.205   -0.290  1.00 0.95 ? 15 LEU A HA   1 
ATOM 197 H HB2  . LEU A 1 15 ? 6.624   6.826   1.980   1.00 0.92 ? 15 LEU A HB2  1 
ATOM 198 H HB3  . LEU A 1 15 ? 7.980   7.175   0.922   1.00 1.10 ? 15 LEU A HB3  1 
ATOM 199 H HG   . LEU A 1 15 ? 5.977   7.465   -0.871  1.00 1.23 ? 15 LEU A HG   1 
ATOM 200 H HD11 . LEU A 1 15 ? 4.379   6.932   1.147   1.00 0.99 ? 15 LEU A HD11 1 
ATOM 201 H HD12 . LEU A 1 15 ? 4.748   8.575   1.654   1.00 1.02 ? 15 LEU A HD12 1 
ATOM 202 H HD13 . LEU A 1 15 ? 3.978   8.288   0.098   1.00 1.45 ? 15 LEU A HD13 1 
ATOM 203 H HD21 . LEU A 1 15 ? 6.919   9.491   1.180   1.00 1.63 ? 15 LEU A HD21 1 
ATOM 204 H HD22 . LEU A 1 15 ? 7.675   9.143   -0.371  1.00 1.47 ? 15 LEU A HD22 1 
ATOM 205 H HD23 . LEU A 1 15 ? 6.087   9.902   -0.317  1.00 1.83 ? 15 LEU A HD23 1 
ATOM 206 N N    . ASN A 1 16 ? 5.772   4.077   2.017   1.00 0.89 ? 16 ASN A N    1 
ATOM 207 C CA   . ASN A 1 16 ? 5.667   3.137   3.161   1.00 0.82 ? 16 ASN A CA   1 
ATOM 208 C C    . ASN A 1 16 ? 5.569   1.698   2.666   1.00 0.83 ? 16 ASN A C    1 
ATOM 209 O O    . ASN A 1 16 ? 5.651   1.452   1.481   1.00 1.26 ? 16 ASN A O    1 
ATOM 210 C CB   . ASN A 1 16 ? 4.375   3.498   3.888   1.00 0.81 ? 16 ASN A CB   1 
ATOM 211 C CG   . ASN A 1 16 ? 4.180   5.012   3.794   1.00 1.03 ? 16 ASN A CG   1 
ATOM 212 O OD1  . ASN A 1 16 ? 3.541   5.512   2.888   1.00 1.36 ? 16 ASN A OD1  1 
ATOM 213 N ND2  . ASN A 1 16 ? 4.713   5.777   4.706   1.00 1.06 ? 16 ASN A ND2  1 
ATOM 214 H H    . ASN A 1 16 ? 4.957   4.431   1.604   1.00 1.41 ? 16 ASN A H    1 
ATOM 215 H HA   . ASN A 1 16 ? 6.527   3.248   3.814   1.00 0.85 ? 16 ASN A HA   1 
ATOM 216 H HB2  . ASN A 1 16 ? 3.539   3.001   3.420   1.00 1.03 ? 16 ASN A HB2  1 
ATOM 217 H HB3  . ASN A 1 16 ? 4.434   3.203   4.918   1.00 0.60 ? 16 ASN A HB3  1 
ATOM 218 H HD21 . ASN A 1 16 ? 5.227   5.380   5.439   1.00 0.98 ? 16 ASN A HD21 1 
ATOM 219 H HD22 . ASN A 1 16 ? 4.602   6.749   4.654   1.00 1.30 ? 16 ASN A HD22 1 
ATOM 220 N N    . GLY A 1 17 ? 5.409   0.770   3.576   1.00 1.13 ? 17 GLY A N    1 
ATOM 221 C CA   . GLY A 1 17 ? 5.304   -0.653  3.141   1.00 1.24 ? 17 GLY A CA   1 
ATOM 222 C C    . GLY A 1 17 ? 4.281   -0.740  2.008   1.00 0.80 ? 17 GLY A C    1 
ATOM 223 O O    . GLY A 1 17 ? 4.610   -0.529  0.858   1.00 1.38 ? 17 GLY A O    1 
ATOM 224 H H    . GLY A 1 17 ? 5.363   1.006   4.527   1.00 1.34 ? 17 GLY A H    1 
ATOM 225 H HA2  . GLY A 1 17 ? 6.266   -0.996  2.786   1.00 1.57 ? 17 GLY A HA2  1 
ATOM 226 H HA3  . GLY A 1 17 ? 4.983   -1.266  3.971   1.00 1.53 ? 17 GLY A HA3  1 
ATOM 227 N N    . GLY A 1 18 ? 3.065   -1.076  2.341   1.00 0.74 ? 18 GLY A N    1 
ATOM 228 C CA   . GLY A 1 18 ? 2.038   -1.165  1.277   1.00 1.03 ? 18 GLY A CA   1 
ATOM 229 C C    . GLY A 1 18 ? 1.943   -2.574  0.707   1.00 0.88 ? 18 GLY A C    1 
ATOM 230 O O    . GLY A 1 18 ? 2.942   -3.211  0.439   1.00 1.13 ? 18 GLY A O    1 
ATOM 231 H H    . GLY A 1 18 ? 2.838   -1.308  3.268   1.00 0.99 ? 18 GLY A H    1 
ATOM 232 H HA2  . GLY A 1 18 ? 1.081   -0.883  1.687   1.00 1.33 ? 18 GLY A HA2  1 
ATOM 233 H HA3  . GLY A 1 18 ? 2.295   -0.478  0.486   1.00 1.41 ? 18 GLY A HA3  1 
ATOM 234 N N    . VAL A 1 19 ? 0.727   -3.016  0.541   1.00 0.71 ? 19 VAL A N    1 
ATOM 235 C CA   . VAL A 1 19 ? 0.484   -4.356  -0.002  1.00 0.61 ? 19 VAL A CA   1 
ATOM 236 C C    . VAL A 1 19 ? -0.237  -4.233  -1.338  1.00 0.64 ? 19 VAL A C    1 
ATOM 237 O O    . VAL A 1 19 ? -1.436  -4.076  -1.395  1.00 0.93 ? 19 VAL A O    1 
ATOM 238 C CB   . VAL A 1 19 ? -0.378  -5.127  0.994   1.00 0.56 ? 19 VAL A CB   1 
ATOM 239 C CG1  . VAL A 1 19 ? -0.509  -6.570  0.503   1.00 0.70 ? 19 VAL A CG1  1 
ATOM 240 C CG2  . VAL A 1 19 ? 0.313   -5.102  2.368   1.00 0.69 ? 19 VAL A CG2  1 
ATOM 241 H H    . VAL A 1 19 ? -0.022  -2.465  0.778   1.00 0.85 ? 19 VAL A H    1 
ATOM 242 H HA   . VAL A 1 19 ? 1.426   -4.833  -0.152  1.00 0.75 ? 19 VAL A HA   1 
ATOM 243 H HB   . VAL A 1 19 ? -1.354  -4.673  1.064   1.00 0.62 ? 19 VAL A HB   1 
ATOM 244 H HG11 . VAL A 1 19 ? 0.008   -6.676  -0.443  1.00 0.88 ? 19 VAL A HG11 1 
ATOM 245 H HG12 . VAL A 1 19 ? -0.075  -7.246  1.224   1.00 0.69 ? 19 VAL A HG12 1 
ATOM 246 H HG13 . VAL A 1 19 ? -1.551  -6.814  0.367   1.00 0.91 ? 19 VAL A HG13 1 
ATOM 247 H HG21 . VAL A 1 19 ? 0.534   -4.077  2.654   1.00 0.66 ? 19 VAL A HG21 1 
ATOM 248 H HG22 . VAL A 1 19 ? -0.335  -5.544  3.109   1.00 0.78 ? 19 VAL A HG22 1 
ATOM 249 H HG23 . VAL A 1 19 ? 1.236   -5.660  2.324   1.00 0.80 ? 19 VAL A HG23 1 
ATOM 250 N N    . CYS A 1 20 ? 0.534   -4.316  -2.381  1.00 0.70 ? 20 CYS A N    1 
ATOM 251 C CA   . CYS A 1 20 ? -0.012  -4.208  -3.765  1.00 0.60 ? 20 CYS A CA   1 
ATOM 252 C C    . CYS A 1 20 ? -1.169  -5.159  -4.073  1.00 0.54 ? 20 CYS A C    1 
ATOM 253 O O    . CYS A 1 20 ? -1.109  -6.342  -3.805  1.00 0.78 ? 20 CYS A O    1 
ATOM 254 C CB   . CYS A 1 20 ? 1.148   -4.480  -4.705  1.00 0.79 ? 20 CYS A CB   1 
ATOM 255 S SG   . CYS A 1 20 ? 1.092   -5.960  -5.731  1.00 1.08 ? 20 CYS A SG   1 
ATOM 256 H H    . CYS A 1 20 ? 1.491   -4.473  -2.252  1.00 1.00 ? 20 CYS A H    1 
ATOM 257 H HA   . CYS A 1 20 ? -0.358  -3.202  -3.919  1.00 0.53 ? 20 CYS A HA   1 
ATOM 258 H HB2  . CYS A 1 20 ? 1.237   -3.627  -5.358  1.00 0.79 ? 20 CYS A HB2  1 
ATOM 259 H HB3  . CYS A 1 20 ? 2.046   -4.525  -4.109  1.00 1.15 ? 20 CYS A HB3  1 
ATOM 260 N N    . MET A 1 21 ? -2.213  -4.590  -4.642  1.00 0.38 ? 21 MET A N    1 
ATOM 261 C CA   . MET A 1 21 ? -3.420  -5.393  -5.004  1.00 0.48 ? 21 MET A CA   1 
ATOM 262 C C    . MET A 1 21 ? -4.019  -4.905  -6.319  1.00 0.47 ? 21 MET A C    1 
ATOM 263 O O    . MET A 1 21 ? -3.644  -3.864  -6.829  1.00 0.45 ? 21 MET A O    1 
ATOM 264 C CB   . MET A 1 21 ? -4.499  -5.200  -3.932  1.00 0.55 ? 21 MET A CB   1 
ATOM 265 C CG   . MET A 1 21 ? -3.859  -4.970  -2.564  1.00 0.50 ? 21 MET A CG   1 
ATOM 266 S SD   . MET A 1 21 ? -4.941  -5.052  -1.115  1.00 0.75 ? 21 MET A SD   1 
ATOM 267 C CE   . MET A 1 21 ? -6.412  -4.325  -1.882  1.00 1.87 ? 21 MET A CE   1 
ATOM 268 H H    . MET A 1 21 ? -2.198  -3.628  -4.827  1.00 0.39 ? 21 MET A H    1 
ATOM 269 H HA   . MET A 1 21 ? -3.145  -6.441  -5.112  1.00 0.59 ? 21 MET A HA   1 
ATOM 270 H HB2  . MET A 1 21 ? -5.098  -4.337  -4.194  1.00 0.56 ? 21 MET A HB2  1 
ATOM 271 H HB3  . MET A 1 21 ? -5.133  -6.074  -3.895  1.00 0.72 ? 21 MET A HB3  1 
ATOM 272 H HG2  . MET A 1 21 ? -3.075  -5.699  -2.426  1.00 0.61 ? 21 MET A HG2  1 
ATOM 273 H HG3  . MET A 1 21 ? -3.405  -3.992  -2.575  1.00 0.40 ? 21 MET A HG3  1 
ATOM 274 H HE1  . MET A 1 21 ? -6.157  -3.372  -2.319  1.00 2.26 ? 21 MET A HE1  1 
ATOM 275 H HE2  . MET A 1 21 ? -6.782  -4.986  -2.651  1.00 2.60 ? 21 MET A HE2  1 
ATOM 276 H HE3  . MET A 1 21 ? -7.176  -4.184  -1.131  1.00 2.37 ? 21 MET A HE3  1 
ATOM 277 N N    . HIS A 1 22 ? -4.954  -5.668  -6.828  1.00 0.57 ? 22 HIS A N    1 
ATOM 278 C CA   . HIS A 1 22 ? -5.615  -5.295  -8.109  1.00 0.65 ? 22 HIS A CA   1 
ATOM 279 C C    . HIS A 1 22 ? -7.097  -4.995  -7.892  1.00 0.69 ? 22 HIS A C    1 
ATOM 280 O O    . HIS A 1 22 ? -7.664  -4.163  -8.570  1.00 0.87 ? 22 HIS A O    1 
ATOM 281 C CB   . HIS A 1 22 ? -5.506  -6.488  -9.066  1.00 0.84 ? 22 HIS A CB   1 
ATOM 282 C CG   . HIS A 1 22 ? -6.798  -6.600  -9.876  1.00 1.22 ? 22 HIS A CG   1 
ATOM 283 N ND1  . HIS A 1 22 ? -7.004  -6.054  -11.000 1.00 1.88 ? 22 HIS A ND1  1 
ATOM 284 C CD2  . HIS A 1 22 ? -7.967  -7.282  -9.591  1.00 2.26 ? 22 HIS A CD2  1 
ATOM 285 C CE1  . HIS A 1 22 ? -8.177  -6.333  -11.430 1.00 2.45 ? 22 HIS A CE1  1 
ATOM 286 N NE2  . HIS A 1 22 ? -8.846  -7.107  -10.591 1.00 2.76 ? 22 HIS A NE2  1 
ATOM 287 H H    . HIS A 1 22 ? -5.222  -6.488  -6.362  1.00 0.63 ? 22 HIS A H    1 
ATOM 288 H HA   . HIS A 1 22 ? -5.130  -4.418  -8.525  1.00 0.66 ? 22 HIS A HA   1 
ATOM 289 H HB2  . HIS A 1 22 ? -4.673  -6.347  -9.736  1.00 1.12 ? 22 HIS A HB2  1 
ATOM 290 H HB3  . HIS A 1 22 ? -5.360  -7.396  -8.501  1.00 1.25 ? 22 HIS A HB3  1 
ATOM 291 H HD1  . HIS A 1 22 ? -6.356  -5.492  -11.474 1.00 2.40 ? 22 HIS A HD1  1 
ATOM 292 H HD2  . HIS A 1 22 ? -8.146  -7.867  -8.700  1.00 2.95 ? 22 HIS A HD2  1 
ATOM 293 H HE1  . HIS A 1 22 ? -8.574  -5.981  -12.371 1.00 3.14 ? 22 HIS A HE1  1 
ATOM 294 N N    . ILE A 1 23 ? -7.687  -5.694  -6.954  1.00 1.32 ? 23 ILE A N    1 
ATOM 295 C CA   . ILE A 1 23 ? -9.134  -5.489  -6.652  1.00 1.43 ? 23 ILE A CA   1 
ATOM 296 C C    . ILE A 1 23 ? -9.999  -5.727  -7.890  1.00 1.33 ? 23 ILE A C    1 
ATOM 297 O O    . ILE A 1 23 ? -9.697  -5.255  -8.967  1.00 1.32 ? 23 ILE A O    1 
ATOM 298 C CB   . ILE A 1 23 ? -9.343  -4.053  -6.153  1.00 1.52 ? 23 ILE A CB   1 
ATOM 299 C CG1  . ILE A 1 23 ? -8.517  -3.819  -4.890  1.00 1.60 ? 23 ILE A CG1  1 
ATOM 300 C CG2  . ILE A 1 23 ? -10.826 -3.871  -5.801  1.00 1.94 ? 23 ILE A CG2  1 
ATOM 301 C CD1  . ILE A 1 23 ? -8.074  -2.355  -4.847  1.00 1.45 ? 23 ILE A CD1  1 
ATOM 302 H H    . ILE A 1 23 ? -7.175  -6.360  -6.449  1.00 1.76 ? 23 ILE A H    1 
ATOM 303 H HA   . ILE A 1 23 ? -9.427  -6.201  -5.889  1.00 1.63 ? 23 ILE A HA   1 
ATOM 304 H HB   . ILE A 1 23 ? -9.037  -3.349  -6.918  1.00 1.71 ? 23 ILE A HB   1 
ATOM 305 H HG12 . ILE A 1 23 ? -9.114  -4.043  -4.019  1.00 2.34 ? 23 ILE A HG12 1 
ATOM 306 H HG13 . ILE A 1 23 ? -7.648  -4.459  -4.898  1.00 1.96 ? 23 ILE A HG13 1 
ATOM 307 H HG21 . ILE A 1 23 ? -11.186 -4.741  -5.272  1.00 2.20 ? 23 ILE A HG21 1 
ATOM 308 H HG22 . ILE A 1 23 ? -10.948 -2.999  -5.174  1.00 2.30 ? 23 ILE A HG22 1 
ATOM 309 H HG23 . ILE A 1 23 ? -11.403 -3.741  -6.704  1.00 2.34 ? 23 ILE A HG23 1 
ATOM 310 H HD11 . ILE A 1 23 ? -8.906  -1.715  -5.098  1.00 2.01 ? 23 ILE A HD11 1 
ATOM 311 H HD12 . ILE A 1 23 ? -7.723  -2.110  -3.856  1.00 1.67 ? 23 ILE A HD12 1 
ATOM 312 H HD13 . ILE A 1 23 ? -7.275  -2.195  -5.555  1.00 1.49 ? 23 ILE A HD13 1 
ATOM 313 N N    . GLU A 1 24 ? -11.065 -6.463  -7.707  1.00 2.19 ? 24 GLU A N    1 
ATOM 314 C CA   . GLU A 1 24 ? -11.963 -6.746  -8.856  1.00 2.20 ? 24 GLU A CA   1 
ATOM 315 C C    . GLU A 1 24 ? -12.474 -5.450  -9.471  1.00 2.28 ? 24 GLU A C    1 
ATOM 316 O O    . GLU A 1 24 ? -11.874 -4.406  -9.313  1.00 2.85 ? 24 GLU A O    1 
ATOM 317 C CB   . GLU A 1 24 ? -13.163 -7.555  -8.349  1.00 3.20 ? 24 GLU A CB   1 
ATOM 318 C CG   . GLU A 1 24 ? -13.514 -8.630  -9.379  1.00 3.66 ? 24 GLU A CG   1 
ATOM 319 C CD   . GLU A 1 24 ? -14.801 -9.339  -8.953  1.00 4.53 ? 24 GLU A CD   1 
ATOM 320 O OE1  . GLU A 1 24 ? -15.849 -8.815  -9.297  1.00 4.93 ? 24 GLU A OE1  1 
ATOM 321 O OE2  . GLU A 1 24 ? -14.665 -10.367 -8.309  1.00 5.02 ? 24 GLU A OE2  1 
ATOM 322 H H    . GLU A 1 24 ? -11.271 -6.822  -6.818  1.00 2.95 ? 24 GLU A H    1 
ATOM 323 H HA   . GLU A 1 24 ? -11.412 -7.301  -9.608  1.00 1.81 ? 24 GLU A HA   1 
ATOM 324 H HB2  . GLU A 1 24 ? -12.915 -8.022  -7.407  1.00 3.38 ? 24 GLU A HB2  1 
ATOM 325 H HB3  . GLU A 1 24 ? -14.010 -6.900  -8.207  1.00 3.77 ? 24 GLU A HB3  1 
ATOM 326 H HG2  . GLU A 1 24 ? -13.662 -8.174  -10.347 1.00 3.78 ? 24 GLU A HG2  1 
ATOM 327 H HG3  . GLU A 1 24 ? -12.714 -9.352  -9.443  1.00 3.93 ? 24 GLU A HG3  1 
ATOM 328 N N    . SER A 1 25 ? -13.576 -5.540  -10.162 1.00 3.24 ? 25 SER A N    1 
ATOM 329 C CA   . SER A 1 25 ? -14.140 -4.321  -10.794 1.00 3.81 ? 25 SER A CA   1 
ATOM 330 C C    . SER A 1 25 ? -13.125 -3.695  -11.751 1.00 3.73 ? 25 SER A C    1 
ATOM 331 O O    . SER A 1 25 ? -12.586 -4.366  -12.609 1.00 4.47 ? 25 SER A O    1 
ATOM 332 C CB   . SER A 1 25 ? -14.476 -3.315  -9.683  1.00 4.76 ? 25 SER A CB   1 
ATOM 333 O OG   . SER A 1 25 ? -15.020 -4.118  -8.646  1.00 5.54 ? 25 SER A OG   1 
ATOM 334 H H    . SER A 1 25 ? -14.026 -6.405  -10.263 1.00 4.00 ? 25 SER A H    1 
ATOM 335 H HA   . SER A 1 25 ? -15.030 -4.594  -11.352 1.00 4.05 ? 25 SER A HA   1 
ATOM 336 H HB2  . SER A 1 25 ? -13.588 -2.809  -9.336  1.00 5.35 ? 25 SER A HB2  1 
ATOM 337 H HB3  . SER A 1 25 ? -15.210 -2.599  -10.024 1.00 4.69 ? 25 SER A HB3  1 
ATOM 338 H HG   . SER A 1 25 ? -14.567 -4.964  -8.658  1.00 5.37 ? 25 SER A HG   1 
ATOM 339 N N    . LEU A 1 26 ? -12.882 -2.424  -11.590 1.00 3.39 ? 26 LEU A N    1 
ATOM 340 C CA   . LEU A 1 26 ? -11.905 -1.752  -12.487 1.00 3.65 ? 26 LEU A CA   1 
ATOM 341 C C    . LEU A 1 26 ? -10.493 -1.814  -11.903 1.00 3.26 ? 26 LEU A C    1 
ATOM 342 O O    . LEU A 1 26 ? -10.270 -2.428  -10.878 1.00 3.53 ? 26 LEU A O    1 
ATOM 343 C CB   . LEU A 1 26 ? -12.320 -0.282  -12.641 1.00 4.63 ? 26 LEU A CB   1 
ATOM 344 C CG   . LEU A 1 26 ? -13.267 -0.147  -13.837 1.00 5.50 ? 26 LEU A CG   1 
ATOM 345 C CD1  . LEU A 1 26 ? -14.436 -1.122  -13.675 1.00 5.64 ? 26 LEU A CD1  1 
ATOM 346 C CD2  . LEU A 1 26 ? -13.811 1.282   -13.884 1.00 6.06 ? 26 LEU A CD2  1 
ATOM 347 H H    . LEU A 1 26 ? -13.340 -1.917  -10.887 1.00 3.53 ? 26 LEU A H    1 
ATOM 348 H HA   . LEU A 1 26 ? -11.908 -2.255  -13.448 1.00 3.87 ? 26 LEU A HA   1 
ATOM 349 H HB2  . LEU A 1 26 ? -12.819 0.049   -11.743 1.00 5.00 ? 26 LEU A HB2  1 
ATOM 350 H HB3  . LEU A 1 26 ? -11.442 0.326   -12.803 1.00 4.67 ? 26 LEU A HB3  1 
ATOM 351 H HG   . LEU A 1 26 ? -12.734 -0.364  -14.751 1.00 5.98 ? 26 LEU A HG   1 
ATOM 352 H HD11 . LEU A 1 26 ? -14.690 -1.219  -12.630 1.00 5.53 ? 26 LEU A HD11 1 
ATOM 353 H HD12 . LEU A 1 26 ? -15.294 -0.754  -14.216 1.00 6.07 ? 26 LEU A HD12 1 
ATOM 354 H HD13 . LEU A 1 26 ? -14.160 -2.092  -14.066 1.00 5.76 ? 26 LEU A HD13 1 
ATOM 355 H HD21 . LEU A 1 26 ? -12.998 1.986   -13.776 1.00 6.02 ? 26 LEU A HD21 1 
ATOM 356 H HD22 . LEU A 1 26 ? -14.305 1.455   -14.829 1.00 6.59 ? 26 LEU A HD22 1 
ATOM 357 H HD23 . LEU A 1 26 ? -14.518 1.430   -13.081 1.00 6.24 ? 26 LEU A HD23 1 
ATOM 358 N N    . ASP A 1 27 ? -9.570  -1.178  -12.573 1.00 3.08 ? 27 ASP A N    1 
ATOM 359 C CA   . ASP A 1 27 ? -8.159  -1.176  -12.089 1.00 2.81 ? 27 ASP A CA   1 
ATOM 360 C C    . ASP A 1 27 ? -8.071  -0.963  -10.577 1.00 2.15 ? 27 ASP A C    1 
ATOM 361 O O    . ASP A 1 27 ? -8.259  -1.883  -9.805  1.00 2.87 ? 27 ASP A O    1 
ATOM 362 C CB   . ASP A 1 27 ? -7.418  -0.029  -12.787 1.00 3.19 ? 27 ASP A CB   1 
ATOM 363 C CG   . ASP A 1 27 ? -7.294  -0.340  -14.279 1.00 4.36 ? 27 ASP A CG   1 
ATOM 364 O OD1  . ASP A 1 27 ? -8.273  -0.834  -14.812 1.00 4.92 ? 27 ASP A OD1  1 
ATOM 365 O OD2  . ASP A 1 27 ? -6.226  -0.067  -14.803 1.00 4.85 ? 27 ASP A OD2  1 
ATOM 366 H H    . ASP A 1 27 ? -9.805  -0.705  -13.399 1.00 3.60 ? 27 ASP A H    1 
ATOM 367 H HA   . ASP A 1 27 ? -7.704  -2.131  -12.334 1.00 3.31 ? 27 ASP A HA   1 
ATOM 368 H HB2  . ASP A 1 27 ? -7.965  0.892   -12.659 1.00 2.97 ? 27 ASP A HB2  1 
ATOM 369 H HB3  . ASP A 1 27 ? -6.430  0.080   -12.362 1.00 3.42 ? 27 ASP A HB3  1 
ATOM 370 N N    . SER A 1 28 ? -7.768  0.248   -10.189 1.00 1.99 ? 28 SER A N    1 
ATOM 371 C CA   . SER A 1 28 ? -7.657  0.558   -8.737  1.00 1.87 ? 28 SER A CA   1 
ATOM 372 C C    . SER A 1 28 ? -6.349  0.015   -8.161  1.00 1.87 ? 28 SER A C    1 
ATOM 373 O O    . SER A 1 28 ? -6.191  -0.087  -6.961  1.00 3.14 ? 28 SER A O    1 
ATOM 374 C CB   . SER A 1 28 ? -8.829  -0.099  -7.997  1.00 2.16 ? 28 SER A CB   1 
ATOM 375 O OG   . SER A 1 28 ? -9.145  0.822   -6.964  1.00 2.26 ? 28 SER A OG   1 
ATOM 376 H H    . SER A 1 28 ? -7.609  0.950   -10.854 1.00 2.64 ? 28 SER A H    1 
ATOM 377 H HA   . SER A 1 28 ? -7.674  1.636   -8.606  1.00 2.26 ? 28 SER A HA   1 
ATOM 378 H HB2  . SER A 1 28 ? -9.676  -0.226  -8.656  1.00 2.82 ? 28 SER A HB2  1 
ATOM 379 H HB3  . SER A 1 28 ? -8.533  -1.048  -7.574  1.00 2.42 ? 28 SER A HB3  1 
ATOM 380 H HG   . SER A 1 28 ? -9.156  1.703   -7.345  1.00 2.38 ? 28 SER A HG   1 
ATOM 381 N N    . TYR A 1 29 ? -5.433  -0.319  -9.029  1.00 0.93 ? 29 TYR A N    1 
ATOM 382 C CA   . TYR A 1 29 ? -4.130  -0.856  -8.548  1.00 0.70 ? 29 TYR A CA   1 
ATOM 383 C C    . TYR A 1 29 ? -3.570  -0.002  -7.415  1.00 0.66 ? 29 TYR A C    1 
ATOM 384 O O    . TYR A 1 29 ? -3.419  1.196   -7.562  1.00 0.79 ? 29 TYR A O    1 
ATOM 385 C CB   . TYR A 1 29 ? -3.125  -0.808  -9.705  1.00 0.72 ? 29 TYR A CB   1 
ATOM 386 C CG   . TYR A 1 29 ? -3.570  -1.747  -10.824 1.00 0.74 ? 29 TYR A CG   1 
ATOM 387 C CD1  . TYR A 1 29 ? -3.553  -3.112  -10.638 1.00 0.71 ? 29 TYR A CD1  1 
ATOM 388 C CD2  . TYR A 1 29 ? -3.981  -1.243  -12.042 1.00 0.84 ? 29 TYR A CD2  1 
ATOM 389 C CE1  . TYR A 1 29 ? -3.942  -3.963  -11.651 1.00 0.77 ? 29 TYR A CE1  1 
ATOM 390 C CE2  . TYR A 1 29 ? -4.372  -2.094  -13.056 1.00 0.88 ? 29 TYR A CE2  1 
ATOM 391 C CZ   . TYR A 1 29 ? -4.355  -3.461  -12.868 1.00 0.85 ? 29 TYR A CZ   1 
ATOM 392 O OH   . TYR A 1 29 ? -4.749  -4.315  -13.879 1.00 0.92 ? 29 TYR A OH   1 
ATOM 393 H H    . TYR A 1 29 ? -5.601  -0.217  -9.990  1.00 1.51 ? 29 TYR A H    1 
ATOM 394 H HA   . TYR A 1 29 ? -4.270  -1.872  -8.196  1.00 0.63 ? 29 TYR A HA   1 
ATOM 395 H HB2  . TYR A 1 29 ? -3.062  0.199   -10.089 1.00 0.77 ? 29 TYR A HB2  1 
ATOM 396 H HB3  . TYR A 1 29 ? -2.153  -1.117  -9.353  1.00 0.70 ? 29 TYR A HB3  1 
ATOM 397 H HD1  . TYR A 1 29 ? -3.234  -3.518  -9.689  1.00 0.66 ? 29 TYR A HD1  1 
ATOM 398 H HD2  . TYR A 1 29 ? -3.987  -0.175  -12.205 1.00 0.89 ? 29 TYR A HD2  1 
ATOM 399 H HE1  . TYR A 1 29 ? -3.909  -5.031  -11.496 1.00 0.78 ? 29 TYR A HE1  1 
ATOM 400 H HE2  . TYR A 1 29 ? -4.694  -1.688  -14.003 1.00 0.96 ? 29 TYR A HE2  1 
ATOM 401 H HH   . TYR A 1 29 ? -4.130  -5.049  -13.905 1.00 1.38 ? 29 TYR A HH   1 
ATOM 402 N N    . THR A 1 30 ? -3.274  -0.620  -6.302  1.00 0.52 ? 30 THR A N    1 
ATOM 403 C CA   . THR A 1 30 ? -2.721  0.179   -5.170  1.00 0.55 ? 30 THR A CA   1 
ATOM 404 C C    . THR A 1 30 ? -2.132  -0.726  -4.100  1.00 0.50 ? 30 THR A C    1 
ATOM 405 O O    . THR A 1 30 ? -2.276  -1.931  -4.158  1.00 0.42 ? 30 THR A O    1 
ATOM 406 C CB   . THR A 1 30 ? -3.860  0.988   -4.549  1.00 0.60 ? 30 THR A CB   1 
ATOM 407 O OG1  . THR A 1 30 ? -3.232  1.967   -3.743  1.00 0.70 ? 30 THR A OG1  1 
ATOM 408 C CG2  . THR A 1 30 ? -4.657  0.128   -3.561  1.00 0.80 ? 30 THR A CG2  1 
ATOM 409 H H    . THR A 1 30 ? -3.431  -1.593  -6.206  1.00 0.46 ? 30 THR A H    1 
ATOM 410 H HA   . THR A 1 30 ? -1.929  0.836   -5.542  1.00 0.63 ? 30 THR A HA   1 
ATOM 411 H HB   . THR A 1 30 ? -4.486  1.450   -5.305  1.00 0.67 ? 30 THR A HB   1 
ATOM 412 H HG1  . THR A 1 30 ? -3.826  2.182   -3.022  1.00 1.04 ? 30 THR A HG1  1 
ATOM 413 H HG21 . THR A 1 30 ? -4.775  -0.869  -3.959  1.00 0.59 ? 30 THR A HG21 1 
ATOM 414 H HG22 . THR A 1 30 ? -4.132  0.074   -2.619  1.00 1.20 ? 30 THR A HG22 1 
ATOM 415 H HG23 . THR A 1 30 ? -5.632  0.564   -3.400  1.00 1.10 ? 30 THR A HG23 1 
ATOM 416 N N    . CYS A 1 31 ? -1.502  -0.114  -3.132  1.00 0.65 ? 31 CYS A N    1 
ATOM 417 C CA   . CYS A 1 31 ? -0.883  -0.896  -2.031  1.00 0.68 ? 31 CYS A CA   1 
ATOM 418 C C    . CYS A 1 31 ? -1.575  -0.623  -0.697  1.00 0.65 ? 31 CYS A C    1 
ATOM 419 O O    . CYS A 1 31 ? -1.452  0.448   -0.137  1.00 0.86 ? 31 CYS A O    1 
ATOM 420 C CB   . CYS A 1 31 ? 0.586   -0.475  -1.931  1.00 0.86 ? 31 CYS A CB   1 
ATOM 421 S SG   . CYS A 1 31 ? 0.944   1.142   -1.207  1.00 1.18 ? 31 CYS A SG   1 
ATOM 422 H H    . CYS A 1 31 ? -1.452  0.862   -3.123  1.00 0.77 ? 31 CYS A H    1 
ATOM 423 H HA   . CYS A 1 31 ? -0.959  -1.946  -2.257  1.00 0.68 ? 31 CYS A HA   1 
ATOM 424 H HB2  . CYS A 1 31 ? 1.109   -1.220  -1.354  1.00 1.51 ? 31 CYS A HB2  1 
ATOM 425 H HB3  . CYS A 1 31 ? 1.005   -0.485  -2.927  1.00 1.53 ? 31 CYS A HB3  1 
ATOM 426 N N    . ASN A 1 32 ? -2.295  -1.604  -0.214  1.00 0.63 ? 32 ASN A N    1 
ATOM 427 C CA   . ASN A 1 32 ? -3.005  -1.426  1.084   1.00 0.62 ? 32 ASN A CA   1 
ATOM 428 C C    . ASN A 1 32 ? -2.054  -0.895  2.154   1.00 0.64 ? 32 ASN A C    1 
ATOM 429 O O    . ASN A 1 32 ? -1.034  -1.492  2.425   1.00 0.77 ? 32 ASN A O    1 
ATOM 430 C CB   . ASN A 1 32 ? -3.535  -2.792  1.536   1.00 0.63 ? 32 ASN A CB   1 
ATOM 431 C CG   . ASN A 1 32 ? -4.947  -2.625  2.100   1.00 0.75 ? 32 ASN A CG   1 
ATOM 432 O OD1  . ASN A 1 32 ? -5.147  -2.014  3.130   1.00 1.50 ? 32 ASN A OD1  1 
ATOM 433 N ND2  . ASN A 1 32 ? -5.953  -3.152  1.458   1.00 1.50 ? 32 ASN A ND2  1 
ATOM 434 H H    . ASN A 1 32 ? -2.367  -2.450  -0.703  1.00 0.79 ? 32 ASN A H    1 
ATOM 435 H HA   . ASN A 1 32 ? -3.818  -0.721  0.949   1.00 0.65 ? 32 ASN A HA   1 
ATOM 436 H HB2  . ASN A 1 32 ? -3.562  -3.472  0.698   1.00 0.58 ? 32 ASN A HB2  1 
ATOM 437 H HB3  . ASN A 1 32 ? -2.891  -3.197  2.303   1.00 0.68 ? 32 ASN A HB3  1 
ATOM 438 H HD21 . ASN A 1 32 ? -5.799  -3.647  0.626   1.00 2.29 ? 32 ASN A HD21 1 
ATOM 439 H HD22 . ASN A 1 32 ? -6.863  -3.050  1.806   1.00 1.55 ? 32 ASN A HD22 1 
ATOM 440 N N    . CYS A 1 33 ? -2.415  0.210   2.751   1.00 0.52 ? 33 CYS A N    1 
ATOM 441 C CA   . CYS A 1 33 ? -1.542  0.797   3.806   1.00 0.55 ? 33 CYS A CA   1 
ATOM 442 C C    . CYS A 1 33 ? -1.315  -0.187  4.956   1.00 0.68 ? 33 CYS A C    1 
ATOM 443 O O    . CYS A 1 33 ? -1.413  -1.379  4.743   1.00 0.82 ? 33 CYS A O    1 
ATOM 444 C CB   . CYS A 1 33 ? -2.200  2.086   4.292   1.00 0.44 ? 33 CYS A CB   1 
ATOM 445 S SG   . CYS A 1 33 ? -1.458  3.609   3.683   1.00 0.35 ? 33 CYS A SG   1 
ATOM 446 H H    . CYS A 1 33 ? -3.254  0.652   2.502   1.00 0.44 ? 33 CYS A H    1 
ATOM 447 H HA   . CYS A 1 33 ? -0.578  1.013   3.357   1.00 0.60 ? 33 CYS A HA   1 
ATOM 448 H HB2  . CYS A 1 33 ? -3.233  2.076   3.978   1.00 0.49 ? 33 CYS A HB2  1 
ATOM 449 H HB3  . CYS A 1 33 ? -2.186  2.116   5.367   1.00 0.47 ? 33 CYS A HB3  1 
ATOM 450 N N    . VAL A 1 34 ? -1.016  0.293   6.154   1.00 0.66 ? 34 VAL A N    1 
ATOM 451 C CA   . VAL A 1 34 ? -0.793  -0.691  7.251   1.00 0.80 ? 34 VAL A CA   1 
ATOM 452 C C    . VAL A 1 34 ? -1.303  -0.241  8.620   1.00 0.77 ? 34 VAL A C    1 
ATOM 453 O O    . VAL A 1 34 ? -1.884  0.817   8.785   1.00 0.67 ? 34 VAL A O    1 
ATOM 454 C CB   . VAL A 1 34 ? 0.707   -0.973  7.340   1.00 0.96 ? 34 VAL A CB   1 
ATOM 455 C CG1  . VAL A 1 34 ? 0.976   -2.403  6.865   1.00 1.26 ? 34 VAL A CG1  1 
ATOM 456 C CG2  . VAL A 1 34 ? 1.467   0.000   6.435   1.00 0.90 ? 34 VAL A CG2  1 
ATOM 457 H H    . VAL A 1 34 ? -0.950  1.264   6.321   1.00 0.57 ? 34 VAL A H    1 
ATOM 458 H HA   . VAL A 1 34 ? -1.318  -1.605  7.004   1.00 0.93 ? 34 VAL A HA   1 
ATOM 459 H HB   . VAL A 1 34 ? 1.036   -0.865  8.356   1.00 0.99 ? 34 VAL A HB   1 
ATOM 460 H HG11 . VAL A 1 34 ? 0.562   -2.541  5.878   1.00 1.31 ? 34 VAL A HG11 1 
ATOM 461 H HG12 . VAL A 1 34 ? 2.041   -2.582  6.832   1.00 1.45 ? 34 VAL A HG12 1 
ATOM 462 H HG13 . VAL A 1 34 ? 0.518   -3.106  7.545   1.00 1.32 ? 34 VAL A HG13 1 
ATOM 463 H HG21 . VAL A 1 34 ? 1.176   1.015   6.658   1.00 0.75 ? 34 VAL A HG21 1 
ATOM 464 H HG22 . VAL A 1 34 ? 2.529   -0.109  6.595   1.00 1.02 ? 34 VAL A HG22 1 
ATOM 465 H HG23 . VAL A 1 34 ? 1.243   -0.214  5.401   1.00 0.96 ? 34 VAL A HG23 1 
ATOM 466 N N    . ILE A 1 35 ? -0.981  -1.062  9.582   1.00 0.90 ? 35 ILE A N    1 
ATOM 467 C CA   . ILE A 1 35 ? -1.379  -0.827  10.972  1.00 0.97 ? 35 ILE A CA   1 
ATOM 468 C C    . ILE A 1 35 ? -0.489  0.199   11.632  1.00 0.86 ? 35 ILE A C    1 
ATOM 469 O O    . ILE A 1 35 ? 0.613   -0.099  12.051  1.00 0.89 ? 35 ILE A O    1 
ATOM 470 C CB   . ILE A 1 35 ? -1.216  -2.173  11.676  1.00 1.17 ? 35 ILE A CB   1 
ATOM 471 C CG1  . ILE A 1 35 ? -2.316  -3.152  11.236  1.00 1.32 ? 35 ILE A CG1  1 
ATOM 472 C CG2  . ILE A 1 35 ? -1.269  -1.974  13.188  1.00 1.29 ? 35 ILE A CG2  1 
ATOM 473 C CD1  . ILE A 1 35 ? -3.674  -2.816  11.875  1.00 2.09 ? 35 ILE A CD1  1 
ATOM 474 H H    . ILE A 1 35 ? -0.391  -1.802  9.397   1.00 0.96 ? 35 ILE A H    1 
ATOM 475 H HA   . ILE A 1 35 ? -2.404  -0.487  10.999  1.00 1.00 ? 35 ILE A HA   1 
ATOM 476 H HB   . ILE A 1 35 ? -0.255  -2.592  11.386  1.00 1.16 ? 35 ILE A HB   1 
ATOM 477 H HG12 . ILE A 1 35 ? -2.414  -3.112  10.162  1.00 1.79 ? 35 ILE A HG12 1 
ATOM 478 H HG13 . ILE A 1 35 ? -2.030  -4.154  11.518  1.00 2.05 ? 35 ILE A HG13 1 
ATOM 479 H HG21 . ILE A 1 35 ? -1.821  -1.080  13.423  1.00 1.25 ? 35 ILE A HG21 1 
ATOM 480 H HG22 . ILE A 1 35 ? -1.745  -2.825  13.647  1.00 1.45 ? 35 ILE A HG22 1 
ATOM 481 H HG23 . ILE A 1 35 ? -0.263  -1.880  13.564  1.00 1.31 ? 35 ILE A HG23 1 
ATOM 482 H HD11 . ILE A 1 35 ? -3.664  -1.835  12.308  1.00 2.44 ? 35 ILE A HD11 1 
ATOM 483 H HD12 . ILE A 1 35 ? -4.442  -2.853  11.118  1.00 2.56 ? 35 ILE A HD12 1 
ATOM 484 H HD13 . ILE A 1 35 ? -3.901  -3.541  12.643  1.00 2.44 ? 35 ILE A HD13 1 
ATOM 485 N N    . GLY A 1 36 ? -0.996  1.388   11.706  1.00 0.78 ? 36 GLY A N    1 
ATOM 486 C CA   . GLY A 1 36 ? -0.215  2.475   12.334  1.00 0.72 ? 36 GLY A CA   1 
ATOM 487 C C    . GLY A 1 36 ? -0.168  3.673   11.440  1.00 0.54 ? 36 GLY A C    1 
ATOM 488 O O    . GLY A 1 36 ? 0.059   4.776   11.897  1.00 0.59 ? 36 GLY A O    1 
ATOM 489 H H    . GLY A 1 36 ? -1.883  1.562   11.332  1.00 0.81 ? 36 GLY A H    1 
ATOM 490 H HA2  . GLY A 1 36 ? -0.664  2.761   13.265  1.00 0.84 ? 36 GLY A HA2  1 
ATOM 491 H HA3  . GLY A 1 36 ? 0.787   2.140   12.497  1.00 0.73 ? 36 GLY A HA3  1 
ATOM 492 N N    . TYR A 1 37 ? -0.372  3.447   10.184  1.00 0.37 ? 37 TYR A N    1 
ATOM 493 C CA   . TYR A 1 37 ? -0.332  4.592   9.286   1.00 0.26 ? 37 TYR A CA   1 
ATOM 494 C C    . TYR A 1 37 ? -1.238  4.494   8.082   1.00 0.30 ? 37 TYR A C    1 
ATOM 495 O O    . TYR A 1 37 ? -1.448  3.422   7.512   1.00 0.37 ? 37 TYR A O    1 
ATOM 496 C CB   . TYR A 1 37 ? 1.066   4.891   8.924   1.00 0.24 ? 37 TYR A CB   1 
ATOM 497 C CG   . TYR A 1 37 ? 1.909   3.763   8.382   1.00 0.29 ? 37 TYR A CG   1 
ATOM 498 C CD1  . TYR A 1 37 ? 1.799   2.447   8.787   1.00 0.41 ? 37 TYR A CD1  1 
ATOM 499 C CD2  . TYR A 1 37 ? 3.022   4.152   7.710   1.00 0.41 ? 37 TYR A CD2  1 
ATOM 500 C CE1  . TYR A 1 37 ? 2.810   1.568   8.552   1.00 0.59 ? 37 TYR A CE1  1 
ATOM 501 C CE2  . TYR A 1 37 ? 4.041   3.305   7.477   1.00 0.60 ? 37 TYR A CE2  1 
ATOM 502 C CZ   . TYR A 1 37 ? 3.959   1.980   7.885   1.00 0.68 ? 37 TYR A CZ   1 
ATOM 503 O OH   . TYR A 1 37 ? 4.984   1.093   7.625   1.00 0.90 ? 37 TYR A OH   1 
ATOM 504 H H    . TYR A 1 37 ? -0.517  2.529   9.843   1.00 0.39 ? 37 TYR A H    1 
ATOM 505 H HA   . TYR A 1 37 ? -0.661  5.436   9.842   1.00 0.31 ? 37 TYR A HA   1 
ATOM 506 H HB2  . TYR A 1 37 ? 1.046   5.687   8.202   1.00 0.29 ? 37 TYR A HB2  1 
ATOM 507 H HB3  . TYR A 1 37 ? 1.557   5.234   9.845   1.00 0.33 ? 37 TYR A HB3  1 
ATOM 508 H HD1  . TYR A 1 37 ? 0.906   2.081   9.228   1.00 0.44 ? 37 TYR A HD1  1 
ATOM 509 H HD2  . TYR A 1 37 ? 3.046   5.124   7.263   1.00 0.40 ? 37 TYR A HD2  1 
ATOM 510 H HE1  . TYR A 1 37 ? 2.692   0.547   8.892   1.00 0.69 ? 37 TYR A HE1  1 
ATOM 511 H HE2  . TYR A 1 37 ? 4.951   3.724   7.078   1.00 0.72 ? 37 TYR A HE2  1 
ATOM 512 H HH   . TYR A 1 37 ? 5.677   1.567   7.161   1.00 1.01 ? 37 TYR A HH   1 
ATOM 513 N N    . SER A 1 38 ? -1.718  5.657   7.690   1.00 0.33 ? 38 SER A N    1 
ATOM 514 C CA   . SER A 1 38 ? -2.640  5.702   6.514   1.00 0.40 ? 38 SER A CA   1 
ATOM 515 C C    . SER A 1 38 ? -2.698  7.078   5.838   1.00 0.50 ? 38 SER A C    1 
ATOM 516 O O    . SER A 1 38 ? -1.862  7.936   6.059   1.00 0.54 ? 38 SER A O    1 
ATOM 517 C CB   . SER A 1 38 ? -4.047  5.354   7.008   1.00 0.60 ? 38 SER A CB   1 
ATOM 518 O OG   . SER A 1 38 ? -3.879  4.126   7.700   1.00 1.41 ? 38 SER A OG   1 
ATOM 519 H H    . SER A 1 38 ? -1.406  6.493   8.130   1.00 0.37 ? 38 SER A H    1 
ATOM 520 H HA   . SER A 1 38 ? -2.309  4.974   5.789   1.00 0.37 ? 38 SER A HA   1 
ATOM 521 H HB2  . SER A 1 38 ? -4.414  6.115   7.680   1.00 1.31 ? 38 SER A HB2  1 
ATOM 522 H HB3  . SER A 1 38 ? -4.724  5.225   6.177   1.00 1.15 ? 38 SER A HB3  1 
ATOM 523 H HG   . SER A 1 38 ? -4.278  4.219   8.568   1.00 2.04 ? 38 SER A HG   1 
ATOM 524 N N    . GLY A 1 39 ? -3.704  7.242   5.019   1.00 0.74 ? 39 GLY A N    1 
ATOM 525 C CA   . GLY A 1 39 ? -3.886  8.527   4.287   1.00 0.94 ? 39 GLY A CA   1 
ATOM 526 C C    . GLY A 1 39 ? -3.769  8.235   2.793   1.00 1.05 ? 39 GLY A C    1 
ATOM 527 O O    . GLY A 1 39 ? -4.120  7.158   2.355   1.00 1.71 ? 39 GLY A O    1 
ATOM 528 H H    . GLY A 1 39 ? -4.342  6.510   4.881   1.00 0.89 ? 39 GLY A H    1 
ATOM 529 H HA2  . GLY A 1 39 ? -4.863  8.934   4.504   1.00 1.11 ? 39 GLY A HA2  1 
ATOM 530 H HA3  . GLY A 1 39 ? -3.123  9.232   4.582   1.00 0.89 ? 39 GLY A HA3  1 
ATOM 531 N N    . ASP A 1 40 ? -3.295  9.180   2.030   1.00 1.24 ? 40 ASP A N    1 
ATOM 532 C CA   . ASP A 1 40 ? -3.172  8.905   0.576   1.00 1.26 ? 40 ASP A CA   1 
ATOM 533 C C    . ASP A 1 40 ? -2.456  7.568   0.398   1.00 1.05 ? 40 ASP A C    1 
ATOM 534 O O    . ASP A 1 40 ? -2.612  6.890   -0.597  1.00 1.21 ? 40 ASP A O    1 
ATOM 535 C CB   . ASP A 1 40 ? -2.329  10.012  -0.068  1.00 1.39 ? 40 ASP A CB   1 
ATOM 536 C CG   . ASP A 1 40 ? -3.112  11.326  -0.051  1.00 1.84 ? 40 ASP A CG   1 
ATOM 537 O OD1  . ASP A 1 40 ? -4.270  11.272  -0.433  1.00 1.89 ? 40 ASP A OD1  1 
ATOM 538 O OD2  . ASP A 1 40 ? -2.508  12.311  0.340   1.00 2.62 ? 40 ASP A OD2  1 
ATOM 539 H H    . ASP A 1 40 ? -3.028  10.046  2.405   1.00 1.70 ? 40 ASP A H    1 
ATOM 540 H HA   . ASP A 1 40 ? -4.162  8.849   0.134   1.00 1.40 ? 40 ASP A HA   1 
ATOM 541 H HB2  . ASP A 1 40 ? -1.410  10.138  0.485   1.00 1.89 ? 40 ASP A HB2  1 
ATOM 542 H HB3  . ASP A 1 40 ? -2.097  9.747   -1.090  1.00 1.83 ? 40 ASP A HB3  1 
ATOM 543 N N    . ARG A 1 41 ? -1.685  7.230   1.397   1.00 0.83 ? 41 ARG A N    1 
ATOM 544 C CA   . ARG A 1 41 ? -0.918  5.957   1.380   1.00 0.71 ? 41 ARG A CA   1 
ATOM 545 C C    . ARG A 1 41 ? 0.038   5.923   2.575   1.00 0.60 ? 41 ARG A C    1 
ATOM 546 O O    . ARG A 1 41 ? 1.234   5.777   2.420   1.00 0.69 ? 41 ARG A O    1 
ATOM 547 C CB   . ARG A 1 41 ? -0.108  5.852   0.072   1.00 0.99 ? 41 ARG A CB   1 
ATOM 548 C CG   . ARG A 1 41 ? 0.431   7.226   -0.338  1.00 0.77 ? 41 ARG A CG   1 
ATOM 549 C CD   . ARG A 1 41 ? 1.741   7.033   -1.100  1.00 1.13 ? 41 ARG A CD   1 
ATOM 550 N NE   . ARG A 1 41 ? 2.218   8.358   -1.582  1.00 1.21 ? 41 ARG A NE   1 
ATOM 551 C CZ   . ARG A 1 41 ? 1.999   8.703   -2.820  1.00 1.44 ? 41 ARG A CZ   1 
ATOM 552 N NH1  . ARG A 1 41 ? 0.776   8.956   -3.197  1.00 1.88 ? 41 ARG A NH1  1 
ATOM 553 N NH2  . ARG A 1 41 ? 3.010   8.782   -3.640  1.00 1.68 ? 41 ARG A NH2  1 
ATOM 554 H H    . ARG A 1 41 ? -1.611  7.826   2.171   1.00 0.91 ? 41 ARG A H    1 
ATOM 555 H HA   . ARG A 1 41 ? -1.616  5.130   1.470   1.00 0.64 ? 41 ARG A HA   1 
ATOM 556 H HB2  . ARG A 1 41 ? 0.719   5.172   0.215   1.00 1.33 ? 41 ARG A HB2  1 
ATOM 557 H HB3  . ARG A 1 41 ? -0.741  5.468   -0.713  1.00 1.23 ? 41 ARG A HB3  1 
ATOM 558 H HG2  . ARG A 1 41 ? -0.281  7.724   -0.977  1.00 1.18 ? 41 ARG A HG2  1 
ATOM 559 H HG3  . ARG A 1 41 ? 0.610   7.829   0.542   1.00 1.36 ? 41 ARG A HG3  1 
ATOM 560 H HD2  . ARG A 1 41 ? 2.482   6.596   -0.448  1.00 1.52 ? 41 ARG A HD2  1 
ATOM 561 H HD3  . ARG A 1 41 ? 1.580   6.381   -1.948  1.00 1.48 ? 41 ARG A HD3  1 
ATOM 562 H HE   . ARG A 1 41 ? 2.688   8.966   -0.975  1.00 1.41 ? 41 ARG A HE   1 
ATOM 563 H HH11 . ARG A 1 41 ? 0.024   8.883   -2.541  1.00 2.05 ? 41 ARG A HH11 1 
ATOM 564 H HH12 . ARG A 1 41 ? 0.589   9.220   -4.144  1.00 2.23 ? 41 ARG A HH12 1 
ATOM 565 H HH21 . ARG A 1 41 ? 3.933   8.580   -3.314  1.00 1.75 ? 41 ARG A HH21 1 
ATOM 566 H HH22 . ARG A 1 41 ? 2.862   9.043   -4.593  1.00 2.10 ? 41 ARG A HH22 1 
ATOM 567 N N    . CYS A 1 42 ? -0.524  6.061   3.752   1.00 0.43 ? 42 CYS A N    1 
ATOM 568 C CA   . CYS A 1 42 ? 0.312   6.046   4.978   1.00 0.37 ? 42 CYS A CA   1 
ATOM 569 C C    . CYS A 1 42 ? 1.315   7.163   4.905   1.00 0.50 ? 42 CYS A C    1 
ATOM 570 O O    . CYS A 1 42 ? 2.307   7.166   5.606   1.00 0.55 ? 42 CYS A O    1 
ATOM 571 C CB   . CYS A 1 42 ? 0.972   4.686   5.169   1.00 0.34 ? 42 CYS A CB   1 
ATOM 572 S SG   . CYS A 1 42 ? 0.530   3.371   4.000   1.00 0.42 ? 42 CYS A SG   1 
ATOM 573 H H    . CYS A 1 42 ? -1.495  6.175   3.821   1.00 0.41 ? 42 CYS A H    1 
ATOM 574 H HA   . CYS A 1 42 ? -0.305  6.255   5.832   1.00 0.31 ? 42 CYS A HA   1 
ATOM 575 H HB2  . CYS A 1 42 ? 2.036   4.816   5.146   1.00 0.42 ? 42 CYS A HB2  1 
ATOM 576 H HB3  . CYS A 1 42 ? 0.703   4.345   6.173   1.00 0.28 ? 42 CYS A HB3  1 
ATOM 577 N N    . GLN A 1 43 ? 1.035   8.104   4.029   1.00 0.60 ? 43 GLN A N    1 
ATOM 578 C CA   . GLN A 1 43 ? 1.960   9.241   3.910   1.00 0.76 ? 43 GLN A CA   1 
ATOM 579 C C    . GLN A 1 43 ? 2.060   9.745   5.326   1.00 0.78 ? 43 GLN A C    1 
ATOM 580 O O    . GLN A 1 43 ? 3.055   10.292  5.758   1.00 0.91 ? 43 GLN A O    1 
ATOM 581 C CB   . GLN A 1 43 ? 1.338   10.315  3.010   1.00 0.84 ? 43 GLN A CB   1 
ATOM 582 C CG   . GLN A 1 43 ? 1.849   11.689  3.446   1.00 1.68 ? 43 GLN A CG   1 
ATOM 583 C CD   . GLN A 1 43 ? 1.667   12.685  2.300   1.00 1.85 ? 43 GLN A CD   1 
ATOM 584 O OE1  . GLN A 1 43 ? 2.622   13.174  1.731   1.00 2.54 ? 43 GLN A OE1  1 
ATOM 585 N NE2  . GLN A 1 43 ? 0.459   13.010  1.929   1.00 2.10 ? 43 GLN A NE2  1 
ATOM 586 H H    . GLN A 1 43 ? 0.231   8.051   3.473   1.00 0.59 ? 43 GLN A H    1 
ATOM 587 H HA   . GLN A 1 43 ? 2.932   8.901   3.558   1.00 0.82 ? 43 GLN A HA   1 
ATOM 588 H HB2  . GLN A 1 43 ? 1.616   10.133  1.982   1.00 1.40 ? 43 GLN A HB2  1 
ATOM 589 H HB3  . GLN A 1 43 ? 0.262   10.282  3.097   1.00 1.32 ? 43 GLN A HB3  1 
ATOM 590 H HG2  . GLN A 1 43 ? 1.293   12.031  4.307   1.00 2.35 ? 43 GLN A HG2  1 
ATOM 591 H HG3  . GLN A 1 43 ? 2.897   11.625  3.700   1.00 2.29 ? 43 GLN A HG3  1 
ATOM 592 H HE21 . GLN A 1 43 ? -0.315  12.617  2.383   1.00 2.48 ? 43 GLN A HE21 1 
ATOM 593 H HE22 . GLN A 1 43 ? 0.326   13.647  1.197   1.00 2.27 ? 43 GLN A HE22 1 
ATOM 594 N N    . THR A 1 44 ? 0.967   9.524   6.019   1.00 0.70 ? 44 THR A N    1 
ATOM 595 C CA   . THR A 1 44 ? 0.881   9.933   7.420   1.00 0.77 ? 44 THR A CA   1 
ATOM 596 C C    . THR A 1 44 ? 1.403   8.748   8.209   1.00 0.61 ? 44 THR A C    1 
ATOM 597 O O    . THR A 1 44 ? 0.638   7.957   8.761   1.00 0.50 ? 44 THR A O    1 
ATOM 598 C CB   . THR A 1 44 ? -0.583  10.192  7.791   1.00 0.80 ? 44 THR A CB   1 
ATOM 599 O OG1  . THR A 1 44 ? -1.089  11.031  6.770   1.00 1.19 ? 44 THR A OG1  1 
ATOM 600 C CG2  . THR A 1 44 ? -0.680  11.034  9.067   1.00 1.19 ? 44 THR A CG2  1 
ATOM 601 H H    . THR A 1 44 ? 0.200   9.076   5.598   1.00 0.62 ? 44 THR A H    1 
ATOM 602 H HA   . THR A 1 44 ? 1.512   10.801  7.591   1.00 0.93 ? 44 THR A HA   1 
ATOM 603 H HB   . THR A 1 44 ? -1.152  9.271   7.854   1.00 0.73 ? 44 THR A HB   1 
ATOM 604 H HG1  . THR A 1 44 ? -1.671  11.678  7.179   1.00 1.61 ? 44 THR A HG1  1 
ATOM 605 H HG21 . THR A 1 44 ? 0.285   11.079  9.550   1.00 1.09 ? 44 THR A HG21 1 
ATOM 606 H HG22 . THR A 1 44 ? -1.000  12.035  8.820   1.00 1.55 ? 44 THR A HG22 1 
ATOM 607 H HG23 . THR A 1 44 ? -1.395  10.590  9.745   1.00 1.51 ? 44 THR A HG23 1 
ATOM 608 N N    . ARG A 1 45 ? 2.704   8.608   8.141   1.00 0.64 ? 45 ARG A N    1 
ATOM 609 C CA   . ARG A 1 45 ? 3.386   7.502   8.848   1.00 0.53 ? 45 ARG A CA   1 
ATOM 610 C C    . ARG A 1 45 ? 3.715   7.911   10.257  1.00 0.60 ? 45 ARG A C    1 
ATOM 611 O O    . ARG A 1 45 ? 4.376   8.904   10.481  1.00 0.84 ? 45 ARG A O    1 
ATOM 612 C CB   . ARG A 1 45 ? 4.693   7.157   8.093   1.00 0.65 ? 45 ARG A CB   1 
ATOM 613 C CG   . ARG A 1 45 ? 5.492   6.120   8.889   1.00 1.14 ? 45 ARG A CG   1 
ATOM 614 C CD   . ARG A 1 45 ? 6.666   5.610   8.046   1.00 1.15 ? 45 ARG A CD   1 
ATOM 615 N NE   . ARG A 1 45 ? 7.861   6.450   8.340   1.00 1.10 ? 45 ARG A NE   1 
ATOM 616 C CZ   . ARG A 1 45 ? 8.592   6.896   7.356   1.00 1.57 ? 45 ARG A CZ   1 
ATOM 617 N NH1  . ARG A 1 45 ? 8.839   6.107   6.347   1.00 2.15 ? 45 ARG A NH1  1 
ATOM 618 N NH2  . ARG A 1 45 ? 9.047   8.118   7.414   1.00 1.98 ? 45 ARG A NH2  1 
ATOM 619 H H    . ARG A 1 45 ? 3.231   9.243   7.614   1.00 0.76 ? 45 ARG A H    1 
ATOM 620 H HA   . ARG A 1 45 ? 2.736   6.658   8.896   1.00 0.38 ? 45 ARG A HA   1 
ATOM 621 H HB2  . ARG A 1 45 ? 4.460   6.754   7.118   1.00 0.93 ? 45 ARG A HB2  1 
ATOM 622 H HB3  . ARG A 1 45 ? 5.285   8.050   7.969   1.00 1.13 ? 45 ARG A HB3  1 
ATOM 623 H HG2  . ARG A 1 45 ? 5.875   6.572   9.786   1.00 1.51 ? 45 ARG A HG2  1 
ATOM 624 H HG3  . ARG A 1 45 ? 4.852   5.293   9.157   1.00 1.38 ? 45 ARG A HG3  1 
ATOM 625 H HD2  . ARG A 1 45 ? 6.878   4.584   8.301   1.00 1.56 ? 45 ARG A HD2  1 
ATOM 626 H HD3  . ARG A 1 45 ? 6.431   5.672   6.994   1.00 1.44 ? 45 ARG A HD3  1 
ATOM 627 H HE   . ARG A 1 45 ? 8.097   6.666   9.267   1.00 1.55 ? 45 ARG A HE   1 
ATOM 628 H HH11 . ARG A 1 45 ? 8.471   5.177   6.337   1.00 2.10 ? 45 ARG A HH11 1 
ATOM 629 H HH12 . ARG A 1 45 ? 9.399   6.431   5.584   1.00 2.89 ? 45 ARG A HH12 1 
ATOM 630 H HH21 . ARG A 1 45 ? 8.834   8.696   8.203   1.00 1.79 ? 45 ARG A HH21 1 
ATOM 631 H HH22 . ARG A 1 45 ? 9.610   8.479   6.670   1.00 2.74 ? 45 ARG A HH22 1 
ATOM 632 N N    . ASP A 1 46 ? 3.210   7.158   11.190  1.00 0.44 ? 46 ASP A N    1 
ATOM 633 C CA   . ASP A 1 46 ? 3.499   7.504   12.588  1.00 0.59 ? 46 ASP A CA   1 
ATOM 634 C C    . ASP A 1 46 ? 4.919   7.049   12.920  1.00 0.72 ? 46 ASP A C    1 
ATOM 635 O O    . ASP A 1 46 ? 5.189   6.447   13.940  1.00 0.87 ? 46 ASP A O    1 
ATOM 636 C CB   . ASP A 1 46 ? 2.467   6.818   13.503  1.00 0.54 ? 46 ASP A CB   1 
ATOM 637 C CG   . ASP A 1 46 ? 1.439   7.855   13.962  1.00 1.03 ? 46 ASP A CG   1 
ATOM 638 O OD1  . ASP A 1 46 ? 1.760   8.552   14.910  1.00 1.61 ? 46 ASP A OD1  1 
ATOM 639 O OD2  . ASP A 1 46 ? 0.390   7.891   13.338  1.00 1.21 ? 46 ASP A OD2  1 
ATOM 640 H H    . ASP A 1 46 ? 2.634   6.391   10.966  1.00 0.28 ? 46 ASP A H    1 
ATOM 641 H HA   . ASP A 1 46 ? 3.451   8.577   12.669  1.00 0.76 ? 46 ASP A HA   1 
ATOM 642 H HB2  . ASP A 1 46 ? 1.962   6.032   12.961  1.00 0.56 ? 46 ASP A HB2  1 
ATOM 643 H HB3  . ASP A 1 46 ? 2.952   6.398   14.370  1.00 0.92 ? 46 ASP A HB3  1 
ATOM 644 N N    . LEU A 1 47 ? 5.800   7.369   12.016  1.00 0.80 ? 47 LEU A N    1 
ATOM 645 C CA   . LEU A 1 47 ? 7.226   7.002   12.178  1.00 1.01 ? 47 LEU A CA   1 
ATOM 646 C C    . LEU A 1 47 ? 7.371   5.612   12.755  1.00 1.08 ? 47 LEU A C    1 
ATOM 647 O O    . LEU A 1 47 ? 6.475   4.795   12.661  1.00 1.98 ? 47 LEU A O    1 
ATOM 648 C CB   . LEU A 1 47 ? 7.903   8.011   13.116  1.00 1.27 ? 47 LEU A CB   1 
ATOM 649 C CG   . LEU A 1 47 ? 7.747   9.422   12.546  1.00 1.41 ? 47 LEU A CG   1 
ATOM 650 C CD1  . LEU A 1 47 ? 7.036   10.302  13.576  1.00 1.64 ? 47 LEU A CD1  1 
ATOM 651 C CD2  . LEU A 1 47 ? 9.134   10.002  12.262  1.00 1.87 ? 47 LEU A CD2  1 
ATOM 652 H H    . LEU A 1 47 ? 5.518   7.865   11.227  1.00 0.79 ? 47 LEU A H    1 
ATOM 653 H HA   . LEU A 1 47 ? 7.697   6.998   11.197  1.00 1.05 ? 47 LEU A HA   1 
ATOM 654 H HB2  . LEU A 1 47 ? 7.444   7.962   14.093  1.00 1.50 ? 47 LEU A HB2  1 
ATOM 655 H HB3  . LEU A 1 47 ? 8.952   7.777   13.207  1.00 1.51 ? 47 LEU A HB3  1 
ATOM 656 H HG   . LEU A 1 47 ? 7.170   9.385   11.634  1.00 1.65 ? 47 LEU A HG   1 
ATOM 657 H HD11 . LEU A 1 47 ? 7.615   10.335  14.488  1.00 1.90 ? 47 LEU A HD11 1 
ATOM 658 H HD12 . LEU A 1 47 ? 6.929   11.304  13.187  1.00 1.67 ? 47 LEU A HD12 1 
ATOM 659 H HD13 . LEU A 1 47 ? 6.058   9.897   13.791  1.00 2.02 ? 47 LEU A HD13 1 
ATOM 660 H HD21 . LEU A 1 47 ? 9.683   9.336   11.614  1.00 1.96 ? 47 LEU A HD21 1 
ATOM 661 H HD22 . LEU A 1 47 ? 9.034   10.965  11.781  1.00 2.32 ? 47 LEU A HD22 1 
ATOM 662 H HD23 . LEU A 1 47 ? 9.675   10.124  13.189  1.00 2.00 ? 47 LEU A HD23 1 
ATOM 663 N N    . ARG A 1 48 ? 8.500   5.368   13.345  1.00 1.32 ? 48 ARG A N    1 
ATOM 664 C CA   . ARG A 1 48 ? 8.724   4.040   13.928  1.00 1.34 ? 48 ARG A CA   1 
ATOM 665 C C    . ARG A 1 48 ? 7.925   3.833   15.200  1.00 1.28 ? 48 ARG A C    1 
ATOM 666 O O    . ARG A 1 48 ? 8.074   4.545   16.174  1.00 1.70 ? 48 ARG A O    1 
ATOM 667 C CB   . ARG A 1 48 ? 10.219  3.885   14.200  1.00 1.65 ? 48 ARG A CB   1 
ATOM 668 C CG   . ARG A 1 48 ? 10.930  3.678   12.855  1.00 1.87 ? 48 ARG A CG   1 
ATOM 669 C CD   . ARG A 1 48 ? 10.865  4.960   12.018  1.00 2.47 ? 48 ARG A CD   1 
ATOM 670 N NE   . ARG A 1 48 ? 12.014  4.963   11.066  1.00 3.46 ? 48 ARG A NE   1 
ATOM 671 C CZ   . ARG A 1 48 ? 12.263  6.033   10.358  1.00 4.04 ? 48 ARG A CZ   1 
ATOM 672 N NH1  . ARG A 1 48 ? 13.051  6.946   10.852  1.00 4.88 ? 48 ARG A NH1  1 
ATOM 673 N NH2  . ARG A 1 48 ? 11.720  6.150   9.178   1.00 4.20 ? 48 ARG A NH2  1 
ATOM 674 H H    . ARG A 1 48 ? 9.193   6.057   13.400  1.00 2.05 ? 48 ARG A H    1 
ATOM 675 H HA   . ARG A 1 48 ? 8.391   3.311   13.212  1.00 1.37 ? 48 ARG A HA   1 
ATOM 676 H HB2  . ARG A 1 48 ? 10.599  4.771   14.688  1.00 1.82 ? 48 ARG A HB2  1 
ATOM 677 H HB3  . ARG A 1 48 ? 10.386  3.029   14.836  1.00 1.65 ? 48 ARG A HB3  1 
ATOM 678 H HG2  . ARG A 1 48 ? 11.960  3.406   13.026  1.00 2.59 ? 48 ARG A HG2  1 
ATOM 679 H HG3  . ARG A 1 48 ? 10.442  2.886   12.313  1.00 2.30 ? 48 ARG A HG3  1 
ATOM 680 H HD2  . ARG A 1 48 ? 9.938   4.983   11.457  1.00 2.99 ? 48 ARG A HD2  1 
ATOM 681 H HD3  . ARG A 1 48 ? 10.925  5.828   12.655  1.00 2.68 ? 48 ARG A HD3  1 
ATOM 682 H HE   . ARG A 1 48 ? 12.578  4.167   10.972  1.00 4.17 ? 48 ARG A HE   1 
ATOM 683 H HH11 . ARG A 1 48 ? 13.455  6.822   11.758  1.00 4.95 ? 48 ARG A HH11 1 
ATOM 684 H HH12 . ARG A 1 48 ? 13.252  7.771   10.324  1.00 5.62 ? 48 ARG A HH12 1 
ATOM 685 H HH21 . ARG A 1 48 ? 11.124  5.427   8.827   1.00 3.65 ? 48 ARG A HH21 1 
ATOM 686 H HH22 . ARG A 1 48 ? 11.900  6.961   8.623   1.00 5.11 ? 48 ARG A HH22 1 
ATOM 687 N N    . TRP A 1 49 ? 7.089   2.840   15.144  1.00 1.31 ? 49 TRP A N    1 
ATOM 688 C CA   . TRP A 1 49 ? 6.239   2.515   16.307  1.00 1.39 ? 49 TRP A CA   1 
ATOM 689 C C    . TRP A 1 49 ? 5.727   1.088   16.190  1.00 1.64 ? 49 TRP A C    1 
ATOM 690 O O    . TRP A 1 49 ? 5.680   0.342   17.145  1.00 2.20 ? 49 TRP A O    1 
ATOM 691 C CB   . TRP A 1 49 ? 5.047   3.520   16.306  1.00 1.35 ? 49 TRP A CB   1 
ATOM 692 C CG   . TRP A 1 49 ? 3.801   3.009   15.523  1.00 1.41 ? 49 TRP A CG   1 
ATOM 693 C CD1  . TRP A 1 49 ? 3.320   3.538   14.355  1.00 1.32 ? 49 TRP A CD1  1 
ATOM 694 C CD2  . TRP A 1 49 ? 2.903   2.128   15.997  1.00 1.82 ? 49 TRP A CD2  1 
ATOM 695 N NE1  . TRP A 1 49 ? 2.143   2.947   14.206  1.00 1.74 ? 49 TRP A NE1  1 
ATOM 696 C CE2  . TRP A 1 49 ? 1.802   2.060   15.166  1.00 2.05 ? 49 TRP A CE2  1 
ATOM 697 C CE3  . TRP A 1 49 ? 2.935   1.345   17.127  1.00 2.19 ? 49 TRP A CE3  1 
ATOM 698 C CZ2  . TRP A 1 49 ? 0.749   1.216   15.470  1.00 2.57 ? 49 TRP A CZ2  1 
ATOM 699 C CZ3  . TRP A 1 49 ? 1.888   0.503   17.433  1.00 2.69 ? 49 TRP A CZ3  1 
ATOM 700 C CH2  . TRP A 1 49 ? 0.794   0.439   16.605  1.00 2.84 ? 49 TRP A CH2  1 
ATOM 701 H H    . TRP A 1 49 ? 7.030   2.301   14.329  1.00 1.61 ? 49 TRP A H    1 
ATOM 702 H HA   . TRP A 1 49 ? 6.825   2.611   17.213  1.00 1.48 ? 49 TRP A HA   1 
ATOM 703 H HB2  . TRP A 1 49 ? 4.752   3.714   17.327  1.00 1.64 ? 49 TRP A HB2  1 
ATOM 704 H HB3  . TRP A 1 49 ? 5.373   4.448   15.863  1.00 1.22 ? 49 TRP A HB3  1 
ATOM 705 H HD1  . TRP A 1 49 ? 3.791   4.226   13.655  1.00 1.05 ? 49 TRP A HD1  1 
ATOM 706 H HE1  . TRP A 1 49 ? 1.547   3.169   13.468  1.00 1.91 ? 49 TRP A HE1  1 
ATOM 707 H HE3  . TRP A 1 49 ? 3.775   1.387   17.770  1.00 2.20 ? 49 TRP A HE3  1 
ATOM 708 H HZ2  . TRP A 1 49 ? -0.106  1.159   14.818  1.00 2.84 ? 49 TRP A HZ2  1 
ATOM 709 H HZ3  . TRP A 1 49 ? 1.928   -0.107  18.324  1.00 3.02 ? 49 TRP A HZ3  1 
ATOM 710 H HH2  . TRP A 1 49 ? -0.031  -0.215  16.846  1.00 3.27 ? 49 TRP A HH2  1 
ATOM 711 N N    . TRP A 1 50 ? 5.431   0.735   14.993  1.00 1.61 ? 50 TRP A N    1 
ATOM 712 C CA   . TRP A 1 50 ? 4.911   -0.616  14.692  1.00 1.94 ? 50 TRP A CA   1 
ATOM 713 C C    . TRP A 1 50 ? 5.944   -1.632  14.195  1.00 2.04 ? 50 TRP A C    1 
ATOM 714 O O    . TRP A 1 50 ? 6.643   -2.270  14.956  1.00 1.96 ? 50 TRP A O    1 
ATOM 715 C CB   . TRP A 1 50 ? 3.963   -0.334  13.563  1.00 2.26 ? 50 TRP A CB   1 
ATOM 716 C CG   . TRP A 1 50 ? 4.623   0.588   12.465  1.00 2.01 ? 50 TRP A CG   1 
ATOM 717 C CD1  . TRP A 1 50 ? 3.880   1.142   11.494  1.00 2.28 ? 50 TRP A CD1  1 
ATOM 718 C CD2  . TRP A 1 50 ? 5.959   0.934   12.287  1.00 1.91 ? 50 TRP A CD2  1 
ATOM 719 N NE1  . TRP A 1 50 ? 4.753   1.827   10.759  1.00 1.98 ? 50 TRP A NE1  1 
ATOM 720 C CE2  . TRP A 1 50 ? 6.036   1.754   11.154  1.00 1.60 ? 50 TRP A CE2  1 
ATOM 721 C CE3  . TRP A 1 50 ? 7.190   0.547   12.847  1.00 2.45 ? 50 TRP A CE3  1 
ATOM 722 C CZ2  . TRP A 1 50 ? 7.257   2.155   10.626  1.00 1.57 ? 50 TRP A CZ2  1 
ATOM 723 C CZ3  . TRP A 1 50 ? 8.382   0.924   12.291  1.00 2.62 ? 50 TRP A CZ3  1 
ATOM 724 C CH2  . TRP A 1 50 ? 8.416   1.725   11.184  1.00 2.15 ? 50 TRP A CH2  1 
ATOM 725 H H    . TRP A 1 50 ? 5.546   1.376   14.262  1.00 1.77 ? 50 TRP A H    1 
ATOM 726 H HA   . TRP A 1 50 ? 4.379   -1.008  15.548  1.00 2.10 ? 50 TRP A HA   1 
ATOM 727 H HB2  . TRP A 1 50 ? 3.641   -1.261  13.114  1.00 2.66 ? 50 TRP A HB2  1 
ATOM 728 H HB3  . TRP A 1 50 ? 3.104   0.178   13.980  1.00 2.41 ? 50 TRP A HB3  1 
ATOM 729 H HD1  . TRP A 1 50 ? 2.891   0.854   11.212  1.00 3.05 ? 50 TRP A HD1  1 
ATOM 730 H HE1  . TRP A 1 50 ? 4.477   2.348   9.976   1.00 2.24 ? 50 TRP A HE1  1 
ATOM 731 H HE3  . TRP A 1 50 ? 7.234   0.068   13.786  1.00 2.88 ? 50 TRP A HE3  1 
ATOM 732 H HZ2  . TRP A 1 50 ? 7.305   2.918   9.865   1.00 1.42 ? 50 TRP A HZ2  1 
ATOM 733 H HZ3  . TRP A 1 50 ? 9.295   0.525   12.699  1.00 3.19 ? 50 TRP A HZ3  1 
ATOM 734 H HH2  . TRP A 1 50 ? 9.352   1.953   10.705  1.00 2.38 ? 50 TRP A HH2  1 
ATOM 735 N N    . GLU A 1 51 ? 5.990   -1.731  12.894  1.00 2.52 ? 51 GLU A N    1 
ATOM 736 C CA   . GLU A 1 51 ? 6.916   -2.647  12.207  1.00 3.00 ? 51 GLU A CA   1 
ATOM 737 C C    . GLU A 1 51 ? 8.380   -2.220  12.387  1.00 2.78 ? 51 GLU A C    1 
ATOM 738 O O    . GLU A 1 51 ? 8.742   -1.640  13.390  1.00 3.26 ? 51 GLU A O    1 
ATOM 739 C CB   . GLU A 1 51 ? 6.517   -2.582  10.722  1.00 3.82 ? 51 GLU A CB   1 
ATOM 740 C CG   . GLU A 1 51 ? 6.359   -4.002  10.172  1.00 4.48 ? 51 GLU A CG   1 
ATOM 741 C CD   . GLU A 1 51 ? 7.715   -4.710  10.204  1.00 4.75 ? 51 GLU A CD   1 
ATOM 742 O OE1  . GLU A 1 51 ? 8.016   -5.255  11.253  1.00 5.10 ? 51 GLU A OE1  1 
ATOM 743 O OE2  . GLU A 1 51 ? 8.374   -4.664  9.178   1.00 4.94 ? 51 GLU A OE2  1 
ATOM 744 H H    . GLU A 1 51 ? 5.384   -1.192  12.356  1.00 2.67 ? 51 GLU A H    1 
ATOM 745 H HA   . GLU A 1 51 ? 6.794   -3.631  12.602  1.00 3.47 ? 51 GLU A HA   1 
ATOM 746 H HB2  . GLU A 1 51 ? 5.570   -2.040  10.630  1.00 4.06 ? 51 GLU A HB2  1 
ATOM 747 H HB3  . GLU A 1 51 ? 7.272   -2.056  10.159  1.00 3.95 ? 51 GLU A HB3  1 
ATOM 748 H HG2  . GLU A 1 51 ? 5.654   -4.555  10.775  1.00 4.76 ? 51 GLU A HG2  1 
ATOM 749 H HG3  . GLU A 1 51 ? 6.003   -3.963  9.153   1.00 5.03 ? 51 GLU A HG3  1 
ATOM 750 N N    . LEU A 1 52 ? 9.204   -2.546  11.426  1.00 3.01 ? 52 LEU A N    1 
ATOM 751 C CA   . LEU A 1 52 ? 10.640  -2.167  11.530  1.00 3.51 ? 52 LEU A CA   1 
ATOM 752 C C    . LEU A 1 52 ? 11.261  -2.019  10.142  1.00 3.79 ? 52 LEU A C    1 
ATOM 753 O O    . LEU A 1 52 ? 11.652  -2.993  9.528   1.00 4.28 ? 52 LEU A O    1 
ATOM 754 C CB   . LEU A 1 52 ? 11.377  -3.288  12.281  1.00 4.11 ? 52 LEU A CB   1 
ATOM 755 C CG   . LEU A 1 52 ? 11.786  -2.803  13.678  1.00 4.61 ? 52 LEU A CG   1 
ATOM 756 C CD1  . LEU A 1 52 ? 12.087  -4.015  14.564  1.00 4.87 ? 52 LEU A CD1  1 
ATOM 757 C CD2  . LEU A 1 52 ? 13.050  -1.945  13.571  1.00 5.42 ? 52 LEU A CD2  1 
ATOM 758 H H    . LEU A 1 52 ? 8.880   -3.040  10.644  1.00 3.36 ? 52 LEU A H    1 
ATOM 759 H HA   . LEU A 1 52 ? 10.720  -1.222  12.055  1.00 3.60 ? 52 LEU A HA   1 
ATOM 760 H HB2  . LEU A 1 52 ? 10.726  -4.144  12.373  1.00 4.22 ? 52 LEU A HB2  1 
ATOM 761 H HB3  . LEU A 1 52 ? 12.258  -3.575  11.726  1.00 4.46 ? 52 LEU A HB3  1 
ATOM 762 H HG   . LEU A 1 52 ? 10.986  -2.225  14.117  1.00 4.77 ? 52 LEU A HG   1 
ATOM 763 H HD11 . LEU A 1 52 ? 12.609  -4.767  13.989  1.00 5.27 ? 52 LEU A HD11 1 
ATOM 764 H HD12 . LEU A 1 52 ? 12.705  -3.712  15.397  1.00 5.18 ? 52 LEU A HD12 1 
ATOM 765 H HD13 . LEU A 1 52 ? 11.164  -4.433  14.941  1.00 4.90 ? 52 LEU A HD13 1 
ATOM 766 H HD21 . LEU A 1 52 ? 12.872  -1.105  12.917  1.00 5.77 ? 52 LEU A HD21 1 
ATOM 767 H HD22 . LEU A 1 52 ? 13.326  -1.582  14.550  1.00 5.70 ? 52 LEU A HD22 1 
ATOM 768 H HD23 . LEU A 1 52 ? 13.858  -2.539  13.173  1.00 5.72 ? 52 LEU A HD23 1 
ATOM 769 N N    . ARG A 1 53 ? 11.343  -0.801  9.677   1.00 4.10 ? 53 ARG A N    1 
ATOM 770 C CA   . ARG A 1 53 ? 11.935  -0.569  8.334   1.00 4.56 ? 53 ARG A CA   1 
ATOM 771 C C    . ARG A 1 53 ? 11.208  -1.394  7.276   1.00 4.94 ? 53 ARG A C    1 
ATOM 772 O O    . ARG A 1 53 ? 11.790  -1.553  6.215   1.00 4.95 ? 53 ARG A O    1 
ATOM 773 C CB   . ARG A 1 53 ? 13.409  -0.994  8.371   1.00 4.54 ? 53 ARG A CB   1 
ATOM 774 C CG   . ARG A 1 53 ? 14.196  -0.175  7.342   1.00 5.23 ? 53 ARG A CG   1 
ATOM 775 C CD   . ARG A 1 53 ? 15.548  -0.848  7.084   1.00 5.27 ? 53 ARG A CD   1 
ATOM 776 N NE   . ARG A 1 53 ? 16.328  -0.864  8.354   1.00 5.84 ? 53 ARG A NE   1 
ATOM 777 C CZ   . ARG A 1 53 ? 16.650  -2.009  8.895   1.00 6.41 ? 53 ARG A CZ   1 
ATOM 778 N NH1  . ARG A 1 53 ? 17.200  -2.929  8.147   1.00 6.85 ? 53 ARG A NH1  1 
ATOM 779 N NH2  . ARG A 1 53 ? 16.409  -2.194  10.164  1.00 6.63 ? 53 ARG A NH2  1 
ATOM 780 O OXT  . ARG A 1 53 ? 10.108  -1.819  7.586   1.00 5.51 ? 53 ARG A OXT  1 
ATOM 781 H H    . ARG A 1 53 ? 11.017  -0.046  10.209  1.00 4.22 ? 53 ARG A H    1 
ATOM 782 H HA   . ARG A 1 53 ? 11.842  0.483   8.085   1.00 4.84 ? 53 ARG A HA   1 
ATOM 783 H HB2  . ARG A 1 53 ? 13.811  -0.817  9.359   1.00 4.18 ? 53 ARG A HB2  1 
ATOM 784 H HB3  . ARG A 1 53 ? 13.490  -2.045  8.139   1.00 4.71 ? 53 ARG A HB3  1 
ATOM 785 H HG2  . ARG A 1 53 ? 13.640  -0.117  6.419   1.00 5.75 ? 53 ARG A HG2  1 
ATOM 786 H HG3  . ARG A 1 53 ? 14.355  0.825   7.720   1.00 5.59 ? 53 ARG A HG3  1 
ATOM 787 H HD2  . ARG A 1 53 ? 15.398  -1.861  6.743   1.00 5.24 ? 53 ARG A HD2  1 
ATOM 788 H HD3  . ARG A 1 53 ? 16.097  -0.295  6.334   1.00 5.79 ? 53 ARG A HD3  1 
ATOM 789 H HE   . ARG A 1 53 ? 16.595  -0.023  8.782   1.00 6.15 ? 53 ARG A HE   1 
ATOM 790 H HH11 . ARG A 1 53 ? 17.369  -2.751  7.179   1.00 6.72 ? 53 ARG A HH11 1 
ATOM 791 H HH12 . ARG A 1 53 ? 17.453  -3.811  8.544   1.00 7.38 ? 53 ARG A HH12 1 
ATOM 792 H HH21 . ARG A 1 53 ? 15.985  -1.466  10.704  1.00 6.36 ? 53 ARG A HH21 1 
ATOM 793 H HH22 . ARG A 1 53 ? 16.646  -3.063  10.596  1.00 7.12 ? 53 ARG A HH22 1 
# 
